data_5E38
#
_entry.id   5E38
#
_cell.length_a   118.089
_cell.length_b   118.089
_cell.length_c   77.812
_cell.angle_alpha   90.00
_cell.angle_beta   90.00
_cell.angle_gamma   120.00
#
_symmetry.space_group_name_H-M   'P 32'
#
loop_
_entity.id
_entity.type
_entity.pdbx_description
1 polymer 'Uracil phosphoribosyltransferase'
2 water water
#
_entity_poly.entity_id   1
_entity_poly.type   'polypeptide(L)'
_entity_poly.pdbx_seq_one_letter_code
;AAGVAFQGAVQVHVVDHPLAAARLTTLRDERTDNAGFRAALRELTLLLIYEATRDAPCEPVPIRTPLAETVGSRLTKPPL
LVPVLRAGLGMVDEAHAALPEAHVGFVGVARDEQTHQPVPYLDSLPDDLTDVPVMVLDPMVATGGSMTHTLGLLISRGAA
DITVLCVVAAPEGIAALQKAAPNVRLFTAAIDEGLNEVAYIVPGLGDAGDRQFGPR
;
_entity_poly.pdbx_strand_id   A,B,C,D
#
# COMPACT_ATOMS: atom_id res chain seq x y z
N GLY A 3 22.51 10.02 -2.63
CA GLY A 3 22.95 11.13 -3.46
C GLY A 3 22.03 12.34 -3.29
N VAL A 4 22.50 13.35 -2.55
CA VAL A 4 21.74 14.58 -2.48
C VAL A 4 22.32 15.54 -3.49
N ALA A 5 22.37 16.83 -3.14
CA ALA A 5 22.94 17.93 -3.88
C ALA A 5 22.41 19.24 -3.32
N PHE A 6 23.04 20.35 -3.69
CA PHE A 6 22.73 21.65 -3.12
C PHE A 6 22.72 22.70 -4.22
N GLN A 7 22.15 23.85 -3.90
CA GLN A 7 22.11 24.99 -4.80
C GLN A 7 22.87 26.13 -4.17
N GLY A 8 22.30 27.33 -4.22
CA GLY A 8 22.87 28.66 -3.86
C GLY A 8 23.35 29.27 -5.16
N GLN A 11 19.63 25.76 0.79
CA GLN A 11 18.18 25.74 1.01
C GLN A 11 17.56 24.64 0.19
N VAL A 12 17.98 24.59 -1.05
CA VAL A 12 17.48 23.59 -1.99
C VAL A 12 18.40 22.39 -1.90
N HIS A 13 17.79 21.20 -1.90
CA HIS A 13 18.49 19.93 -1.95
C HIS A 13 17.89 19.10 -3.07
N VAL A 14 18.68 18.79 -4.11
CA VAL A 14 18.19 17.94 -5.20
C VAL A 14 18.61 16.50 -4.93
N VAL A 15 17.62 15.63 -4.78
CA VAL A 15 17.92 14.23 -4.50
C VAL A 15 18.24 13.56 -5.83
N ASP A 16 19.53 13.40 -6.09
CA ASP A 16 20.07 12.80 -7.32
C ASP A 16 20.31 11.30 -7.19
N HIS A 17 19.48 10.62 -6.47
CA HIS A 17 19.70 9.21 -6.17
C HIS A 17 19.29 8.33 -7.36
N PRO A 18 19.97 7.20 -7.58
CA PRO A 18 19.60 6.34 -8.71
C PRO A 18 18.12 5.98 -8.73
N LEU A 19 17.57 5.49 -7.62
CA LEU A 19 16.15 5.21 -7.57
C LEU A 19 15.31 6.49 -7.73
N ALA A 20 15.76 7.61 -7.15
CA ALA A 20 15.00 8.85 -7.33
C ALA A 20 14.92 9.24 -8.80
N ALA A 21 16.05 9.15 -9.50
CA ALA A 21 16.11 9.49 -10.92
C ALA A 21 15.31 8.52 -11.76
N ALA A 22 15.36 7.24 -11.39
CA ALA A 22 14.57 6.24 -12.08
C ALA A 22 13.09 6.50 -11.89
N ARG A 23 12.70 6.81 -10.65
CA ARG A 23 11.29 7.07 -10.38
C ARG A 23 10.82 8.36 -11.03
N LEU A 24 11.68 9.39 -11.03
CA LEU A 24 11.39 10.66 -11.68
C LEU A 24 11.12 10.51 -13.17
N THR A 25 11.97 9.74 -13.84
CA THR A 25 11.81 9.52 -15.27
C THR A 25 10.44 8.96 -15.60
N THR A 26 9.98 8.01 -14.76
CA THR A 26 8.64 7.42 -14.86
C THR A 26 7.51 8.44 -14.70
N LEU A 27 7.66 9.40 -13.78
CA LEU A 27 6.61 10.41 -13.56
C LEU A 27 6.41 11.34 -14.76
N ARG A 28 7.48 11.65 -15.50
CA ARG A 28 7.30 12.53 -16.65
C ARG A 28 6.70 11.78 -17.84
N ASP A 29 7.08 10.52 -18.04
CA ASP A 29 6.70 9.83 -19.25
C ASP A 29 5.20 9.96 -19.45
N GLU A 30 4.83 10.21 -20.70
CA GLU A 30 3.42 10.28 -21.08
C GLU A 30 2.81 8.89 -21.28
N ARG A 31 3.62 7.88 -21.60
CA ARG A 31 3.09 6.54 -21.86
C ARG A 31 2.53 5.87 -20.62
N THR A 32 2.99 6.29 -19.42
CA THR A 32 2.68 5.57 -18.19
C THR A 32 1.24 5.80 -17.74
N ASP A 33 0.61 4.71 -17.32
CA ASP A 33 -0.74 4.76 -16.79
C ASP A 33 -0.79 5.60 -15.52
N ASN A 34 -1.94 6.21 -15.22
CA ASN A 34 -1.94 7.02 -14.02
C ASN A 34 -1.75 6.16 -12.78
N ALA A 35 -2.12 4.88 -12.83
CA ALA A 35 -1.85 4.00 -11.71
C ALA A 35 -0.35 3.82 -11.49
N GLY A 36 0.37 3.53 -12.56
CA GLY A 36 1.82 3.50 -12.48
C GLY A 36 2.43 4.86 -12.19
N PHE A 37 1.77 5.93 -12.63
CA PHE A 37 2.17 7.28 -12.24
C PHE A 37 2.06 7.45 -10.74
N ARG A 38 0.94 7.01 -10.13
CA ARG A 38 0.81 7.14 -8.66
C ARG A 38 1.67 6.12 -7.93
N ALA A 39 1.88 4.95 -8.51
CA ALA A 39 2.80 3.98 -7.91
C ALA A 39 4.25 4.51 -7.89
N ALA A 40 4.67 5.10 -9.00
CA ALA A 40 6.00 5.70 -9.11
C ALA A 40 6.12 6.91 -8.20
N LEU A 41 5.03 7.67 -8.06
CA LEU A 41 5.02 8.80 -7.15
C LEU A 41 5.17 8.32 -5.71
N ARG A 42 4.48 7.23 -5.38
CA ARG A 42 4.45 6.74 -3.99
C ARG A 42 5.84 6.42 -3.49
N GLU A 43 6.63 5.75 -4.32
CA GLU A 43 7.98 5.39 -3.89
C GLU A 43 8.88 6.60 -3.83
N LEU A 44 8.85 7.42 -4.88
CA LEU A 44 9.69 8.61 -4.90
C LEU A 44 9.37 9.58 -3.76
N THR A 45 8.18 9.50 -3.15
CA THR A 45 7.89 10.35 -2.01
C THR A 45 8.74 9.96 -0.81
N LEU A 46 8.77 8.68 -0.46
CA LEU A 46 9.61 8.23 0.64
C LEU A 46 11.07 8.60 0.42
N LEU A 47 11.60 8.43 -0.80
CA LEU A 47 13.00 8.79 -1.03
C LEU A 47 13.27 10.19 -0.56
N LEU A 48 12.35 11.11 -0.88
CA LEU A 48 12.47 12.48 -0.43
C LEU A 48 12.37 12.54 1.08
N ILE A 49 11.46 11.78 1.67
CA ILE A 49 11.35 11.77 3.13
C ILE A 49 12.64 11.31 3.75
N TYR A 50 13.18 10.18 3.27
CA TYR A 50 14.42 9.64 3.83
C TYR A 50 15.56 10.63 3.76
N GLU A 51 15.69 11.32 2.63
CA GLU A 51 16.76 12.32 2.57
C GLU A 51 16.48 13.47 3.52
N ALA A 52 15.21 13.86 3.65
CA ALA A 52 14.87 15.01 4.47
C ALA A 52 14.80 14.68 5.95
N THR A 53 14.62 13.41 6.32
CA THR A 53 14.63 13.07 7.75
C THR A 53 15.96 12.44 8.14
N ARG A 54 17.07 13.05 7.78
CA ARG A 54 18.33 12.54 8.31
C ARG A 54 18.52 12.89 9.79
N ASP A 55 17.47 13.22 10.53
CA ASP A 55 17.66 13.97 11.77
C ASP A 55 16.65 13.59 12.83
N ALA A 56 17.00 13.98 14.07
CA ALA A 56 16.22 14.23 15.29
C ALA A 56 15.90 13.05 16.21
N PRO A 57 16.29 11.57 15.78
CA PRO A 57 15.82 10.42 16.59
C PRO A 57 16.47 10.37 17.96
N CYS A 58 16.53 11.53 18.61
CA CYS A 58 17.20 11.77 19.88
C CYS A 58 16.37 11.32 21.09
N GLU A 59 15.63 10.22 20.99
CA GLU A 59 15.10 9.56 22.17
C GLU A 59 15.58 8.11 22.17
N PRO A 60 16.33 7.70 23.19
CA PRO A 60 16.49 6.27 23.44
C PRO A 60 15.19 5.69 23.97
N VAL A 61 15.01 4.39 23.78
CA VAL A 61 13.78 3.70 24.12
C VAL A 61 14.13 2.45 24.92
N PRO A 62 13.65 2.31 26.15
CA PRO A 62 13.82 1.04 26.84
C PRO A 62 12.78 0.06 26.31
N ILE A 63 13.24 -1.08 25.80
CA ILE A 63 12.37 -2.15 25.33
C ILE A 63 13.02 -3.48 25.67
N ARG A 64 12.25 -4.55 25.44
CA ARG A 64 12.65 -5.91 25.75
C ARG A 64 12.31 -6.78 24.55
N THR A 65 13.29 -7.49 24.02
CA THR A 65 13.07 -8.45 22.95
C THR A 65 12.64 -9.79 23.52
N PRO A 66 12.18 -10.70 22.65
CA PRO A 66 11.98 -12.10 23.09
C PRO A 66 13.23 -12.75 23.64
N LEU A 67 14.42 -12.18 23.43
CA LEU A 67 15.64 -12.72 24.03
C LEU A 67 16.38 -11.60 24.77
N ALA A 68 15.82 -11.18 25.92
CA ALA A 68 16.43 -10.25 26.87
C ALA A 68 16.19 -8.77 26.54
N GLU A 69 16.53 -7.92 27.53
CA GLU A 69 16.30 -6.49 27.58
C GLU A 69 17.41 -5.76 26.84
N THR A 70 17.04 -4.67 26.18
CA THR A 70 17.99 -3.83 25.44
C THR A 70 17.38 -2.44 25.31
N VAL A 71 18.12 -1.54 24.68
CA VAL A 71 17.63 -0.18 24.47
C VAL A 71 17.73 0.15 22.99
N GLY A 72 16.69 0.79 22.47
CA GLY A 72 16.71 1.25 21.10
C GLY A 72 16.56 2.75 21.02
N SER A 73 16.24 3.26 19.85
CA SER A 73 15.91 4.66 19.67
C SER A 73 14.59 4.76 18.94
N ARG A 74 13.92 5.90 19.13
CA ARG A 74 12.81 6.31 18.29
C ARG A 74 13.08 7.74 17.87
N LEU A 75 12.09 8.36 17.23
CA LEU A 75 12.18 9.76 16.83
C LEU A 75 11.47 10.69 17.80
N THR A 76 12.14 11.77 18.23
CA THR A 76 11.50 12.83 19.00
C THR A 76 11.02 13.90 18.04
N LYS A 77 9.94 14.58 18.43
CA LYS A 77 9.29 15.59 17.59
C LYS A 77 9.10 15.10 16.16
N PRO A 78 8.06 14.32 15.91
CA PRO A 78 7.77 13.88 14.55
C PRO A 78 7.02 14.96 13.80
N PRO A 79 7.28 15.11 12.50
CA PRO A 79 6.76 16.27 11.79
C PRO A 79 5.27 16.14 11.50
N LEU A 80 4.62 17.30 11.50
CA LEU A 80 3.27 17.44 10.97
C LEU A 80 3.33 17.47 9.45
N LEU A 81 2.68 16.49 8.83
CA LEU A 81 2.61 16.43 7.38
C LEU A 81 1.50 17.34 6.83
N VAL A 82 1.81 18.09 5.78
CA VAL A 82 0.81 18.96 5.16
C VAL A 82 0.75 18.76 3.65
N PRO A 83 -0.03 17.79 3.17
CA PRO A 83 -0.23 17.65 1.72
C PRO A 83 -1.08 18.79 1.17
N VAL A 84 -0.63 19.34 0.05
CA VAL A 84 -1.34 20.37 -0.70
C VAL A 84 -2.30 19.70 -1.68
N LEU A 85 -3.59 19.96 -1.48
CA LEU A 85 -4.70 19.38 -2.22
C LEU A 85 -5.02 20.20 -3.49
N ARG A 86 -5.32 19.52 -4.58
CA ARG A 86 -5.57 18.07 -4.59
C ARG A 86 -4.35 17.18 -4.92
N ALA A 87 -3.20 17.79 -5.23
CA ALA A 87 -2.14 17.03 -5.89
C ALA A 87 -1.40 16.09 -4.91
N GLY A 88 -1.00 16.58 -3.73
CA GLY A 88 -0.04 15.87 -2.88
C GLY A 88 -0.60 14.87 -1.90
N LEU A 89 -1.71 14.23 -2.28
CA LEU A 89 -2.34 13.20 -1.49
C LEU A 89 -2.00 11.80 -1.96
N GLY A 90 -1.58 11.63 -3.21
CA GLY A 90 -0.91 10.41 -3.59
C GLY A 90 0.40 10.18 -2.86
N MET A 91 0.89 11.20 -2.18
CA MET A 91 2.14 11.18 -1.45
C MET A 91 1.95 10.79 0.01
N VAL A 92 0.81 11.12 0.58
CA VAL A 92 0.70 11.14 2.04
C VAL A 92 0.19 9.82 2.59
N ASP A 93 -0.51 9.02 1.80
CA ASP A 93 -0.86 7.74 2.37
C ASP A 93 0.34 6.83 2.54
N GLU A 94 1.49 7.17 1.96
CA GLU A 94 2.69 6.38 2.10
C GLU A 94 3.79 7.10 2.89
N ALA A 95 3.73 8.43 2.99
CA ALA A 95 4.51 9.11 4.01
C ALA A 95 4.17 8.56 5.39
N HIS A 96 2.87 8.39 5.64
CA HIS A 96 2.35 7.62 6.75
C HIS A 96 3.18 6.37 6.97
N ALA A 97 3.39 5.61 5.90
CA ALA A 97 4.28 4.47 6.03
C ALA A 97 5.65 4.90 6.55
N ALA A 98 6.25 5.92 5.95
CA ALA A 98 7.58 6.36 6.38
C ALA A 98 7.57 6.79 7.84
N LEU A 99 6.61 7.61 8.21
CA LEU A 99 6.51 8.22 9.53
C LEU A 99 5.19 7.82 10.16
N PRO A 100 5.11 6.63 10.77
CA PRO A 100 3.85 6.20 11.37
C PRO A 100 3.31 7.15 12.41
N GLU A 101 4.18 7.73 13.25
CA GLU A 101 3.74 8.61 14.33
C GLU A 101 3.36 10.03 13.87
N ALA A 102 3.55 10.39 12.60
CA ALA A 102 3.32 11.76 12.16
C ALA A 102 1.83 12.10 12.06
N HIS A 103 1.43 13.23 12.66
CA HIS A 103 0.07 13.71 12.51
C HIS A 103 -0.09 14.45 11.17
N VAL A 104 -1.32 14.59 10.71
CA VAL A 104 -1.59 15.10 9.36
C VAL A 104 -2.46 16.34 9.44
N GLY A 105 -2.15 17.31 8.57
CA GLY A 105 -2.98 18.49 8.41
C GLY A 105 -3.21 18.80 6.94
N PHE A 106 -4.35 19.43 6.68
CA PHE A 106 -4.85 19.65 5.33
C PHE A 106 -5.07 21.13 5.04
N VAL A 107 -4.75 21.51 3.81
CA VAL A 107 -4.74 22.90 3.37
C VAL A 107 -4.46 22.98 1.88
N GLY A 108 -5.53 22.86 1.09
CA GLY A 108 -5.40 22.78 -0.35
C GLY A 108 -5.81 24.02 -1.10
N VAL A 109 -5.25 24.17 -2.30
CA VAL A 109 -5.64 25.25 -3.20
C VAL A 109 -5.36 24.75 -4.61
N ALA A 110 -6.19 25.18 -5.55
CA ALA A 110 -5.96 24.98 -6.96
C ALA A 110 -5.49 26.26 -7.64
N ARG A 111 -5.20 26.12 -8.92
CA ARG A 111 -4.83 27.23 -9.78
C ARG A 111 -6.01 27.58 -10.68
N ASP A 112 -6.13 28.88 -11.00
CA ASP A 112 -7.20 29.33 -11.86
C ASP A 112 -6.84 29.13 -13.35
N GLU A 113 -7.87 29.17 -14.19
CA GLU A 113 -7.66 29.06 -15.62
C GLU A 113 -6.83 30.19 -16.19
N GLN A 114 -7.48 31.31 -16.47
CA GLN A 114 -6.76 32.51 -16.84
C GLN A 114 -6.28 33.19 -15.58
N THR A 115 -6.45 34.51 -15.50
CA THR A 115 -6.09 35.28 -14.31
C THR A 115 -4.68 34.97 -13.85
N HIS A 116 -4.57 34.11 -12.85
CA HIS A 116 -3.28 33.76 -12.29
C HIS A 116 -3.37 33.34 -10.84
N GLN A 117 -4.00 34.18 -10.02
CA GLN A 117 -3.93 34.03 -8.58
C GLN A 117 -4.71 32.78 -8.12
N PRO A 118 -4.14 31.99 -7.21
CA PRO A 118 -4.86 30.81 -6.71
C PRO A 118 -6.01 31.21 -5.80
N VAL A 119 -7.20 30.69 -6.09
CA VAL A 119 -8.34 30.91 -5.22
C VAL A 119 -8.18 30.03 -3.96
N PRO A 120 -7.74 30.64 -2.85
CA PRO A 120 -7.35 29.84 -1.69
C PRO A 120 -8.52 29.44 -0.82
N TYR A 121 -8.33 28.34 -0.08
CA TYR A 121 -9.36 27.83 0.83
C TYR A 121 -8.99 26.51 1.47
N LEU A 122 -9.02 26.44 2.80
CA LEU A 122 -8.49 25.26 3.48
C LEU A 122 -7.84 25.63 4.80
N ASP A 123 -8.34 25.06 5.91
CA ASP A 123 -7.93 25.43 7.25
C ASP A 123 -7.95 24.26 8.23
N SER A 124 -8.00 23.04 7.72
CA SER A 124 -7.96 21.84 8.53
C SER A 124 -6.61 21.58 9.19
N LEU A 125 -6.38 22.18 10.37
CA LEU A 125 -5.07 22.33 10.96
C LEU A 125 -5.11 22.08 12.46
N PRO A 126 -3.99 21.55 12.97
CA PRO A 126 -3.94 21.03 14.31
C PRO A 126 -3.78 22.20 15.26
N ASP A 127 -3.24 21.91 16.43
CA ASP A 127 -3.02 22.92 17.45
C ASP A 127 -1.56 23.37 17.51
N ASP A 128 -1.14 24.18 16.54
CA ASP A 128 0.28 24.41 16.28
C ASP A 128 0.76 25.74 16.86
N LEU A 129 1.69 25.67 17.81
CA LEU A 129 2.57 26.78 18.14
C LEU A 129 4.00 26.62 17.61
N THR A 130 4.96 26.77 18.52
CA THR A 130 6.35 26.97 18.22
C THR A 130 7.17 25.83 17.69
N ASP A 131 7.54 24.89 18.55
CA ASP A 131 8.56 23.89 18.26
C ASP A 131 7.99 22.66 17.56
N VAL A 132 7.30 22.90 16.45
CA VAL A 132 6.72 21.84 15.64
C VAL A 132 7.24 21.87 14.21
N PRO A 133 7.99 20.85 13.80
CA PRO A 133 8.45 20.77 12.41
C PRO A 133 7.32 20.38 11.46
N VAL A 134 7.39 20.90 10.24
CA VAL A 134 6.38 20.69 9.21
C VAL A 134 7.04 20.23 7.91
N MET A 135 6.52 19.15 7.31
CA MET A 135 6.93 18.72 5.97
C MET A 135 5.75 18.82 5.01
N VAL A 136 5.76 19.88 4.24
CA VAL A 136 4.72 20.15 3.26
C VAL A 136 5.02 19.31 2.02
N LEU A 137 3.97 18.71 1.49
CA LEU A 137 4.01 17.75 0.40
C LEU A 137 3.22 18.37 -0.73
N ASP A 138 3.88 18.63 -1.85
CA ASP A 138 3.22 18.98 -3.09
C ASP A 138 4.16 18.66 -4.25
N PRO A 139 3.68 17.92 -5.25
CA PRO A 139 4.57 17.44 -6.32
C PRO A 139 5.19 18.52 -7.16
N MET A 140 4.43 19.57 -7.52
CA MET A 140 4.90 20.57 -8.47
C MET A 140 4.92 21.95 -7.82
N VAL A 141 6.13 22.46 -7.58
CA VAL A 141 6.32 23.81 -7.06
C VAL A 141 6.58 24.74 -8.25
N ALA A 142 5.48 25.25 -8.82
CA ALA A 142 5.46 25.99 -10.08
C ALA A 142 5.58 27.50 -9.93
N THR A 143 4.46 28.17 -9.74
CA THR A 143 4.49 29.62 -9.57
C THR A 143 4.98 30.03 -8.19
N GLY A 144 4.61 29.24 -7.17
CA GLY A 144 4.85 29.59 -5.80
C GLY A 144 3.62 30.06 -5.07
N GLY A 145 2.54 30.39 -5.79
CA GLY A 145 1.34 30.89 -5.14
C GLY A 145 0.69 29.87 -4.22
N SER A 146 0.48 28.65 -4.73
CA SER A 146 -0.12 27.58 -3.92
C SER A 146 0.72 27.34 -2.68
N MET A 147 2.04 27.25 -2.86
CA MET A 147 2.95 27.02 -1.76
C MET A 147 2.93 28.16 -0.75
N THR A 148 3.25 29.37 -1.21
CA THR A 148 3.33 30.51 -0.32
C THR A 148 2.02 30.74 0.41
N HIS A 149 0.90 30.50 -0.24
CA HIS A 149 -0.38 30.59 0.44
C HIS A 149 -0.38 29.72 1.66
N THR A 150 0.00 28.45 1.49
CA THR A 150 0.05 27.51 2.59
C THR A 150 0.98 28.02 3.68
N LEU A 151 2.20 28.38 3.27
CA LEU A 151 3.24 28.79 4.21
C LEU A 151 2.89 30.10 4.88
N GLY A 152 2.11 30.94 4.20
CA GLY A 152 1.61 32.14 4.85
C GLY A 152 0.79 31.84 6.09
N LEU A 153 -0.06 30.82 6.01
CA LEU A 153 -0.90 30.47 7.14
C LEU A 153 -0.23 29.49 8.11
N LEU A 154 0.78 28.76 7.65
CA LEU A 154 1.58 27.96 8.56
C LEU A 154 2.31 28.84 9.55
N ILE A 155 3.06 29.82 9.02
CA ILE A 155 3.88 30.73 9.82
C ILE A 155 3.04 31.84 10.44
N SER A 156 1.78 31.97 10.06
CA SER A 156 0.88 32.72 10.91
C SER A 156 0.77 32.06 12.28
N ARG A 157 0.66 30.73 12.31
CA ARG A 157 0.63 30.02 13.58
C ARG A 157 2.01 29.72 14.13
N GLY A 158 2.99 30.58 13.84
CA GLY A 158 4.31 30.47 14.43
C GLY A 158 5.05 29.19 14.14
N ALA A 159 4.99 28.69 12.90
CA ALA A 159 5.73 27.50 12.51
C ALA A 159 7.24 27.75 12.50
N ALA A 160 7.99 26.83 13.11
CA ALA A 160 9.43 27.00 13.31
C ALA A 160 10.24 26.75 12.04
N ASP A 161 10.82 25.54 11.92
CA ASP A 161 11.52 25.14 10.72
C ASP A 161 10.53 24.39 9.84
N ILE A 162 10.52 24.75 8.56
CA ILE A 162 9.63 24.15 7.58
C ILE A 162 10.46 23.52 6.47
N THR A 163 10.07 22.31 6.07
CA THR A 163 10.60 21.61 4.90
C THR A 163 9.52 21.48 3.86
N VAL A 164 9.89 21.57 2.59
CA VAL A 164 8.95 21.37 1.50
C VAL A 164 9.46 20.23 0.64
N LEU A 165 8.58 19.29 0.35
CA LEU A 165 8.91 18.18 -0.53
C LEU A 165 8.16 18.31 -1.84
N CYS A 166 8.86 18.18 -2.96
CA CYS A 166 8.20 18.21 -4.25
C CYS A 166 8.96 17.30 -5.18
N VAL A 167 8.36 17.07 -6.34
CA VAL A 167 9.01 16.23 -7.33
C VAL A 167 9.86 17.06 -8.27
N VAL A 168 9.32 18.18 -8.76
CA VAL A 168 10.05 19.11 -9.59
C VAL A 168 9.67 20.52 -9.14
N ALA A 169 10.63 21.45 -9.28
CA ALA A 169 10.41 22.86 -9.04
C ALA A 169 10.93 23.64 -10.23
N ALA A 170 10.34 24.73 -10.46
CA ALA A 170 10.73 25.73 -11.44
C ALA A 170 11.50 26.87 -10.76
N PRO A 171 12.42 27.52 -11.46
CA PRO A 171 13.15 28.64 -10.83
C PRO A 171 12.24 29.73 -10.33
N GLU A 172 11.10 29.93 -10.98
CA GLU A 172 10.15 30.93 -10.53
C GLU A 172 9.56 30.57 -9.16
N GLY A 173 9.27 29.29 -8.93
CA GLY A 173 8.72 28.90 -7.65
C GLY A 173 9.71 29.08 -6.50
N ILE A 174 10.95 28.62 -6.70
CA ILE A 174 11.98 28.78 -5.66
C ILE A 174 12.29 30.25 -5.46
N ALA A 175 12.16 31.05 -6.51
CA ALA A 175 12.25 32.49 -6.31
C ALA A 175 11.18 32.95 -5.33
N ALA A 176 9.95 32.47 -5.53
CA ALA A 176 8.83 32.84 -4.68
C ALA A 176 9.00 32.33 -3.25
N LEU A 177 9.69 31.21 -3.07
CA LEU A 177 9.86 30.64 -1.74
C LEU A 177 10.60 31.60 -0.83
N GLN A 178 11.85 31.90 -1.15
CA GLN A 178 12.69 32.68 -0.25
C GLN A 178 12.27 34.14 -0.11
N LYS A 179 11.30 34.63 -0.87
CA LYS A 179 10.71 35.91 -0.53
C LYS A 179 9.54 35.79 0.42
N ALA A 180 8.80 34.70 0.33
CA ALA A 180 7.82 34.38 1.38
C ALA A 180 8.52 33.94 2.66
N ALA A 181 9.33 32.90 2.58
CA ALA A 181 10.07 32.41 3.74
C ALA A 181 11.52 32.15 3.39
N PRO A 182 12.46 32.90 3.94
CA PRO A 182 13.88 32.62 3.66
C PRO A 182 14.48 31.50 4.50
N ASN A 183 13.77 30.90 5.47
CA ASN A 183 14.35 29.82 6.26
C ASN A 183 13.83 28.45 5.89
N VAL A 184 12.85 28.36 4.99
CA VAL A 184 12.32 27.08 4.57
C VAL A 184 13.38 26.31 3.78
N ARG A 185 13.34 24.98 3.89
CA ARG A 185 14.20 24.07 3.13
C ARG A 185 13.36 23.34 2.09
N LEU A 186 13.94 23.10 0.91
CA LEU A 186 13.21 22.56 -0.22
C LEU A 186 13.90 21.29 -0.70
N PHE A 187 13.13 20.27 -1.00
CA PHE A 187 13.67 19.03 -1.55
C PHE A 187 12.90 18.64 -2.79
N THR A 188 13.56 18.64 -3.93
CA THR A 188 12.97 18.25 -5.20
C THR A 188 13.77 17.10 -5.79
N ALA A 189 13.18 16.37 -6.74
CA ALA A 189 13.99 15.43 -7.50
C ALA A 189 14.67 16.08 -8.72
N ALA A 190 14.12 17.19 -9.24
CA ALA A 190 14.81 17.85 -10.35
C ALA A 190 14.42 19.32 -10.40
N ILE A 191 15.36 20.15 -10.84
CA ILE A 191 15.07 21.55 -11.16
C ILE A 191 14.97 21.67 -12.67
N ASP A 192 13.84 22.17 -13.16
CA ASP A 192 13.65 22.31 -14.58
C ASP A 192 13.94 23.74 -15.01
N GLU A 193 13.61 24.06 -16.26
CA GLU A 193 13.92 25.37 -16.78
C GLU A 193 12.94 26.41 -16.26
N GLY A 194 11.65 26.09 -16.25
CA GLY A 194 10.67 27.04 -15.72
C GLY A 194 9.25 26.69 -16.18
N LEU A 195 8.43 27.73 -16.25
CA LEU A 195 7.02 27.64 -16.59
C LEU A 195 6.81 27.94 -18.07
N ASN A 196 5.56 27.93 -18.49
CA ASN A 196 5.23 28.23 -19.89
C ASN A 196 4.04 29.19 -19.95
N GLU A 197 3.54 29.43 -21.16
CA GLU A 197 2.39 30.33 -21.30
C GLU A 197 1.36 30.18 -20.19
N VAL A 198 0.96 28.95 -19.90
CA VAL A 198 -0.15 28.70 -19.00
C VAL A 198 0.34 28.36 -17.58
N ALA A 199 1.62 28.61 -17.32
CA ALA A 199 2.26 28.44 -16.01
C ALA A 199 2.39 26.99 -15.60
N TYR A 200 2.48 26.09 -16.55
CA TYR A 200 2.88 24.73 -16.26
C TYR A 200 4.38 24.67 -16.29
N ILE A 201 4.96 23.78 -15.49
CA ILE A 201 6.41 23.63 -15.46
C ILE A 201 6.84 22.84 -16.69
N VAL A 202 7.82 23.37 -17.42
CA VAL A 202 8.39 22.67 -18.55
C VAL A 202 9.86 22.29 -18.35
N PRO A 203 10.23 21.01 -18.58
CA PRO A 203 9.49 19.82 -19.04
C PRO A 203 8.43 19.30 -18.08
N GLY A 204 8.73 19.19 -16.78
CA GLY A 204 7.71 18.85 -15.83
C GLY A 204 7.07 17.50 -16.12
N LEU A 205 5.81 17.37 -15.73
CA LEU A 205 5.07 16.12 -15.85
C LEU A 205 3.70 16.33 -16.46
N GLY A 206 3.37 17.52 -16.92
CA GLY A 206 1.97 17.88 -17.15
C GLY A 206 1.35 18.31 -15.82
N ASP A 207 0.07 18.02 -15.65
CA ASP A 207 -0.63 18.28 -14.39
C ASP A 207 -0.56 17.08 -13.45
N ALA A 208 0.06 17.27 -12.29
CA ALA A 208 0.25 16.17 -11.35
C ALA A 208 -1.08 15.66 -10.79
N GLY A 209 -2.04 16.54 -10.55
CA GLY A 209 -3.32 16.03 -10.10
C GLY A 209 -4.01 15.18 -11.14
N ASP A 210 -4.26 15.74 -12.33
CA ASP A 210 -5.02 15.03 -13.35
C ASP A 210 -4.41 13.66 -13.62
N ARG A 211 -3.07 13.54 -13.48
CA ARG A 211 -2.37 12.28 -13.73
C ARG A 211 -2.48 11.28 -12.59
N GLN A 212 -3.27 11.60 -11.54
CA GLN A 212 -3.70 10.59 -10.57
C GLN A 212 -5.22 10.44 -10.49
N PHE A 213 -5.99 11.49 -10.82
CA PHE A 213 -7.44 11.47 -10.60
C PHE A 213 -8.31 11.61 -11.85
N VAL B 12 -16.63 -25.79 -7.48
CA VAL B 12 -16.26 -24.77 -8.45
C VAL B 12 -17.18 -23.58 -8.33
N HIS B 13 -16.64 -22.47 -7.83
CA HIS B 13 -17.36 -21.21 -7.69
C HIS B 13 -16.63 -20.16 -8.51
N VAL B 14 -17.28 -19.64 -9.55
CA VAL B 14 -16.66 -18.71 -10.49
C VAL B 14 -17.04 -17.26 -10.14
N VAL B 15 -16.05 -16.48 -9.76
CA VAL B 15 -16.26 -15.11 -9.33
C VAL B 15 -16.44 -14.20 -10.56
N ASP B 16 -17.68 -14.04 -11.01
CA ASP B 16 -17.98 -13.25 -12.20
C ASP B 16 -18.15 -11.75 -11.90
N HIS B 17 -17.65 -11.30 -10.75
CA HIS B 17 -17.83 -9.90 -10.33
C HIS B 17 -17.09 -8.97 -11.28
N PRO B 18 -17.68 -7.81 -11.64
CA PRO B 18 -17.05 -6.99 -12.67
C PRO B 18 -15.62 -6.60 -12.36
N LEU B 19 -15.31 -6.18 -11.14
CA LEU B 19 -13.91 -5.87 -10.85
C LEU B 19 -13.03 -7.08 -11.07
N ALA B 20 -13.54 -8.27 -10.74
CA ALA B 20 -12.81 -9.50 -11.00
C ALA B 20 -12.61 -9.72 -12.51
N ALA B 21 -13.69 -9.68 -13.28
CA ALA B 21 -13.57 -9.86 -14.73
C ALA B 21 -12.63 -8.84 -15.35
N ALA B 22 -12.68 -7.59 -14.87
CA ALA B 22 -11.72 -6.58 -15.30
C ALA B 22 -10.29 -7.00 -14.99
N ARG B 23 -9.99 -7.23 -13.70
CA ARG B 23 -8.62 -7.55 -13.31
C ARG B 23 -8.09 -8.74 -14.05
N LEU B 24 -8.96 -9.74 -14.29
CA LEU B 24 -8.60 -10.92 -15.05
C LEU B 24 -8.31 -10.57 -16.49
N THR B 25 -9.08 -9.64 -17.04
CA THR B 25 -8.79 -9.12 -18.37
C THR B 25 -7.38 -8.54 -18.44
N THR B 26 -6.94 -7.88 -17.37
CA THR B 26 -5.63 -7.25 -17.38
C THR B 26 -4.51 -8.28 -17.20
N LEU B 27 -4.70 -9.25 -16.32
CA LEU B 27 -3.73 -10.33 -16.20
C LEU B 27 -3.53 -11.02 -17.54
N ARG B 28 -4.61 -11.22 -18.30
CA ARG B 28 -4.49 -11.91 -19.57
C ARG B 28 -3.57 -11.16 -20.54
N ASP B 29 -3.75 -9.84 -20.63
CA ASP B 29 -3.22 -9.07 -21.74
C ASP B 29 -1.73 -9.23 -21.91
N GLU B 30 -1.28 -9.23 -23.17
CA GLU B 30 0.15 -9.39 -23.41
C GLU B 30 0.88 -8.07 -23.17
N ARG B 31 0.19 -6.96 -23.43
CA ARG B 31 0.78 -5.63 -23.31
C ARG B 31 1.18 -5.29 -21.87
N THR B 32 0.53 -5.91 -20.88
CA THR B 32 0.68 -5.46 -19.50
C THR B 32 2.04 -5.86 -18.93
N ASP B 33 2.72 -4.89 -18.33
CA ASP B 33 3.98 -5.14 -17.66
C ASP B 33 3.81 -6.11 -16.51
N ASN B 34 4.90 -6.81 -16.18
CA ASN B 34 4.90 -7.71 -15.02
C ASN B 34 4.44 -6.98 -13.76
N ALA B 35 4.71 -5.68 -13.66
CA ALA B 35 4.36 -4.92 -12.47
C ALA B 35 2.86 -4.73 -12.38
N GLY B 36 2.25 -4.17 -13.43
CA GLY B 36 0.81 -4.23 -13.55
C GLY B 36 0.27 -5.65 -13.49
N PHE B 37 1.00 -6.61 -14.05
CA PHE B 37 0.63 -8.00 -13.82
C PHE B 37 0.63 -8.30 -12.33
N ARG B 38 1.68 -7.86 -11.62
CA ARG B 38 1.73 -8.12 -10.18
C ARG B 38 0.71 -7.32 -9.43
N ALA B 39 0.30 -6.16 -9.96
CA ALA B 39 -0.66 -5.34 -9.24
C ALA B 39 -2.09 -5.83 -9.48
N ALA B 40 -2.41 -6.26 -10.68
CA ALA B 40 -3.75 -6.78 -10.96
C ALA B 40 -3.97 -8.19 -10.43
N LEU B 41 -2.88 -8.90 -10.08
CA LEU B 41 -3.01 -10.20 -9.44
C LEU B 41 -3.30 -10.07 -7.95
N ARG B 42 -2.46 -9.35 -7.23
CA ARG B 42 -2.69 -9.14 -5.80
C ARG B 42 -4.11 -8.66 -5.55
N GLU B 43 -4.53 -7.64 -6.29
CA GLU B 43 -5.86 -7.06 -6.08
C GLU B 43 -6.95 -8.06 -6.44
N LEU B 44 -6.72 -8.88 -7.46
CA LEU B 44 -7.74 -9.90 -7.77
C LEU B 44 -7.83 -10.94 -6.67
N THR B 45 -6.70 -11.29 -6.05
CA THR B 45 -6.67 -12.29 -4.98
C THR B 45 -7.56 -11.89 -3.80
N LEU B 46 -7.70 -10.58 -3.54
CA LEU B 46 -8.61 -10.09 -2.50
C LEU B 46 -10.05 -10.51 -2.78
N LEU B 47 -10.50 -10.38 -4.03
CA LEU B 47 -11.87 -10.75 -4.33
C LEU B 47 -12.09 -12.23 -4.07
N LEU B 48 -11.16 -13.07 -4.53
CA LEU B 48 -11.28 -14.48 -4.24
C LEU B 48 -11.38 -14.72 -2.75
N ILE B 49 -10.59 -13.99 -1.97
CA ILE B 49 -10.63 -14.16 -0.52
C ILE B 49 -11.99 -13.78 0.01
N TYR B 50 -12.59 -12.75 -0.58
CA TYR B 50 -13.83 -12.19 -0.02
C TYR B 50 -15.01 -13.11 -0.31
N GLU B 51 -15.04 -13.69 -1.50
CA GLU B 51 -16.07 -14.64 -1.81
C GLU B 51 -15.89 -15.91 -0.99
N ALA B 52 -14.66 -16.38 -0.85
CA ALA B 52 -14.43 -17.69 -0.26
C ALA B 52 -14.52 -17.68 1.26
N THR B 53 -14.62 -16.50 1.87
CA THR B 53 -14.64 -16.38 3.31
C THR B 53 -16.01 -15.92 3.83
N ARG B 54 -17.02 -15.97 2.97
CA ARG B 54 -18.30 -15.34 3.26
C ARG B 54 -19.26 -16.22 4.04
N ASP B 55 -18.93 -17.50 4.25
CA ASP B 55 -19.63 -18.37 5.20
C ASP B 55 -18.70 -18.78 6.32
N ALA B 56 -17.75 -17.93 6.67
CA ALA B 56 -16.71 -18.38 7.59
C ALA B 56 -17.19 -18.29 9.03
N PRO B 57 -16.81 -19.24 9.87
CA PRO B 57 -17.23 -19.20 11.28
C PRO B 57 -16.52 -18.11 12.06
N CYS B 58 -17.23 -17.58 13.06
CA CYS B 58 -16.80 -16.40 13.79
C CYS B 58 -16.78 -16.73 15.28
N GLU B 59 -16.79 -15.68 16.11
CA GLU B 59 -16.49 -15.71 17.54
C GLU B 59 -16.54 -14.30 18.10
N PRO B 60 -17.16 -14.09 19.25
CA PRO B 60 -17.34 -12.72 19.76
C PRO B 60 -16.16 -12.23 20.58
N VAL B 61 -15.98 -10.91 20.55
CA VAL B 61 -14.88 -10.28 21.29
C VAL B 61 -15.37 -9.06 22.06
N PRO B 62 -15.39 -9.16 23.39
CA PRO B 62 -15.50 -7.97 24.23
C PRO B 62 -14.34 -7.01 24.00
N ILE B 63 -14.68 -5.80 23.52
CA ILE B 63 -13.73 -4.70 23.40
C ILE B 63 -14.44 -3.44 23.89
N ARG B 64 -13.66 -2.38 24.09
CA ARG B 64 -14.20 -1.07 24.48
C ARG B 64 -13.73 -0.03 23.49
N THR B 65 -14.63 0.81 23.04
CA THR B 65 -14.29 1.91 22.17
C THR B 65 -13.82 3.09 23.03
N PRO B 66 -13.36 4.19 22.42
CA PRO B 66 -12.99 5.36 23.25
C PRO B 66 -14.17 5.99 23.94
N LEU B 67 -15.39 5.58 23.59
CA LEU B 67 -16.58 6.22 24.10
C LEU B 67 -17.38 5.32 25.02
N ALA B 68 -17.50 4.05 24.66
CA ALA B 68 -18.44 3.13 25.30
C ALA B 68 -18.03 1.73 24.91
N GLU B 69 -18.62 0.77 25.59
CA GLU B 69 -18.14 -0.60 25.58
C GLU B 69 -19.12 -1.50 24.84
N THR B 70 -18.57 -2.50 24.15
CA THR B 70 -19.36 -3.28 23.20
C THR B 70 -18.64 -4.59 22.92
N VAL B 71 -19.04 -5.26 21.85
CA VAL B 71 -18.64 -6.64 21.59
C VAL B 71 -18.52 -6.85 20.08
N GLY B 72 -17.33 -7.24 19.63
CA GLY B 72 -17.08 -7.48 18.24
C GLY B 72 -17.02 -8.95 17.89
N SER B 73 -16.69 -9.20 16.63
CA SER B 73 -16.58 -10.53 16.11
C SER B 73 -15.14 -10.77 15.69
N ARG B 74 -14.52 -11.80 16.27
CA ARG B 74 -13.40 -12.43 15.62
C ARG B 74 -13.99 -13.44 14.66
N LEU B 75 -13.12 -14.14 13.91
CA LEU B 75 -13.57 -15.19 12.99
C LEU B 75 -13.11 -16.56 13.47
N THR B 76 -12.88 -16.70 14.77
CA THR B 76 -12.74 -18.01 15.40
C THR B 76 -11.58 -18.84 14.85
N LYS B 77 -11.74 -19.39 13.65
CA LYS B 77 -10.74 -20.22 13.01
C LYS B 77 -10.26 -19.52 11.75
N PRO B 78 -9.23 -18.67 11.85
CA PRO B 78 -8.64 -18.12 10.63
C PRO B 78 -7.87 -19.19 9.87
N PRO B 79 -7.74 -19.02 8.57
CA PRO B 79 -7.19 -20.12 7.76
C PRO B 79 -5.68 -20.17 7.79
N LEU B 80 -5.17 -21.38 7.62
CA LEU B 80 -3.77 -21.56 7.25
C LEU B 80 -3.69 -21.38 5.74
N LEU B 81 -3.09 -20.29 5.31
CA LEU B 81 -2.81 -20.15 3.91
C LEU B 81 -1.75 -21.17 3.50
N VAL B 82 -1.80 -21.60 2.24
CA VAL B 82 -0.71 -22.36 1.66
C VAL B 82 -0.48 -21.84 0.24
N PRO B 83 0.61 -21.11 0.00
CA PRO B 83 0.97 -20.75 -1.38
C PRO B 83 1.78 -21.84 -2.06
N VAL B 84 1.46 -22.10 -3.33
CA VAL B 84 2.17 -23.12 -4.11
C VAL B 84 3.21 -22.42 -4.99
N LEU B 85 4.44 -22.88 -4.87
CA LEU B 85 5.59 -22.27 -5.54
C LEU B 85 5.73 -22.81 -6.97
N ARG B 86 6.22 -21.97 -7.88
CA ARG B 86 6.80 -20.66 -7.56
C ARG B 86 5.77 -19.55 -7.69
N ALA B 87 4.53 -19.94 -8.00
CA ALA B 87 3.61 -19.02 -8.66
C ALA B 87 2.71 -18.25 -7.70
N GLY B 88 2.26 -18.86 -6.61
CA GLY B 88 1.22 -18.23 -5.79
C GLY B 88 1.66 -17.37 -4.61
N LEU B 89 2.85 -16.75 -4.69
CA LEU B 89 3.37 -15.91 -3.61
C LEU B 89 3.18 -14.43 -3.86
N GLY B 90 2.87 -14.03 -5.09
CA GLY B 90 2.38 -12.69 -5.34
C GLY B 90 0.95 -12.51 -4.88
N MET B 91 0.37 -13.58 -4.40
CA MET B 91 -0.96 -13.57 -3.84
C MET B 91 -0.93 -13.29 -2.36
N VAL B 92 0.07 -13.84 -1.69
CA VAL B 92 0.01 -13.98 -0.25
C VAL B 92 0.34 -12.68 0.44
N ASP B 93 1.18 -11.84 -0.15
CA ASP B 93 1.61 -10.63 0.56
C ASP B 93 0.51 -9.58 0.63
N GLU B 94 -0.63 -9.85 -0.01
CA GLU B 94 -1.85 -9.06 0.09
C GLU B 94 -2.99 -9.82 0.77
N ALA B 95 -2.98 -11.16 0.72
CA ALA B 95 -3.90 -12.01 1.49
C ALA B 95 -3.68 -11.88 2.99
N HIS B 96 -2.43 -11.63 3.39
CA HIS B 96 -2.14 -11.23 4.76
C HIS B 96 -2.87 -9.94 5.12
N ALA B 97 -3.09 -9.07 4.13
CA ALA B 97 -3.86 -7.84 4.36
C ALA B 97 -5.33 -8.15 4.63
N ALA B 98 -5.93 -8.99 3.80
CA ALA B 98 -7.30 -9.43 4.08
C ALA B 98 -7.38 -10.12 5.45
N LEU B 99 -6.57 -11.15 5.65
CA LEU B 99 -6.63 -11.95 6.88
C LEU B 99 -5.34 -11.72 7.64
N PRO B 100 -5.29 -10.75 8.55
CA PRO B 100 -4.03 -10.50 9.27
C PRO B 100 -3.69 -11.61 10.25
N GLU B 101 -4.69 -12.26 10.82
CA GLU B 101 -4.48 -13.32 11.77
C GLU B 101 -4.29 -14.69 11.13
N ALA B 102 -4.22 -14.75 9.80
CA ALA B 102 -3.99 -16.02 9.13
C ALA B 102 -2.53 -16.42 9.28
N HIS B 103 -2.28 -17.66 9.70
CA HIS B 103 -0.93 -18.21 9.66
C HIS B 103 -0.63 -18.78 8.26
N VAL B 104 0.66 -18.99 7.97
CA VAL B 104 1.09 -19.34 6.61
C VAL B 104 1.98 -20.57 6.60
N GLY B 105 1.78 -21.44 5.62
CA GLY B 105 2.61 -22.62 5.41
C GLY B 105 3.21 -22.66 4.02
N PHE B 106 4.28 -23.42 3.86
CA PHE B 106 4.97 -23.52 2.58
C PHE B 106 5.32 -24.98 2.33
N VAL B 134 -7.79 -24.70 5.45
CA VAL B 134 -6.70 -24.37 4.53
C VAL B 134 -7.16 -23.62 3.28
N MET B 135 -6.50 -22.50 2.96
CA MET B 135 -6.66 -21.81 1.68
C MET B 135 -5.40 -21.93 0.86
N VAL B 136 -5.50 -22.65 -0.24
CA VAL B 136 -4.37 -22.88 -1.13
C VAL B 136 -4.41 -21.85 -2.25
N LEU B 137 -3.24 -21.37 -2.65
CA LEU B 137 -3.09 -20.13 -3.40
C LEU B 137 -2.11 -20.33 -4.56
N ASP B 138 -2.64 -20.33 -5.77
CA ASP B 138 -1.89 -20.81 -6.92
C ASP B 138 -2.61 -20.34 -8.17
N PRO B 139 -1.96 -19.51 -8.98
CA PRO B 139 -2.67 -18.84 -10.09
C PRO B 139 -3.20 -19.76 -11.17
N MET B 140 -2.41 -20.72 -11.63
CA MET B 140 -2.88 -21.61 -12.69
C MET B 140 -2.93 -23.02 -12.15
N VAL B 141 -4.15 -23.50 -11.93
CA VAL B 141 -4.42 -24.91 -11.87
C VAL B 141 -4.53 -25.40 -13.30
N ALA B 142 -3.46 -26.00 -13.80
CA ALA B 142 -3.46 -26.49 -15.17
C ALA B 142 -3.75 -27.97 -15.20
N THR B 143 -2.69 -28.77 -15.08
CA THR B 143 -2.85 -30.21 -15.01
C THR B 143 -3.51 -30.64 -13.70
N GLY B 144 -3.02 -30.11 -12.58
CA GLY B 144 -3.53 -30.44 -11.27
C GLY B 144 -2.54 -31.17 -10.40
N GLY B 145 -1.48 -31.72 -10.99
CA GLY B 145 -0.53 -32.49 -10.20
C GLY B 145 0.14 -31.67 -9.12
N SER B 146 0.60 -30.48 -9.48
CA SER B 146 1.24 -29.60 -8.52
C SER B 146 0.31 -29.36 -7.33
N MET B 147 -0.97 -29.10 -7.62
CA MET B 147 -1.98 -28.86 -6.60
C MET B 147 -2.32 -30.13 -5.82
N THR B 148 -2.67 -31.21 -6.53
CA THR B 148 -3.04 -32.44 -5.83
C THR B 148 -1.87 -32.99 -5.01
N HIS B 149 -0.64 -32.84 -5.51
CA HIS B 149 0.52 -33.26 -4.71
C HIS B 149 0.57 -32.49 -3.40
N THR B 150 0.20 -31.22 -3.45
CA THR B 150 0.09 -30.43 -2.24
C THR B 150 -1.08 -30.92 -1.40
N LEU B 151 -2.24 -31.11 -2.01
CA LEU B 151 -3.40 -31.53 -1.25
C LEU B 151 -3.25 -32.92 -0.69
N GLY B 152 -2.36 -33.72 -1.26
CA GLY B 152 -2.12 -35.04 -0.70
C GLY B 152 -1.42 -34.96 0.64
N LEU B 153 -0.47 -34.03 0.75
CA LEU B 153 0.25 -33.82 1.99
C LEU B 153 -0.52 -32.91 2.93
N LEU B 154 -1.49 -32.16 2.41
CA LEU B 154 -2.33 -31.40 3.31
C LEU B 154 -3.15 -32.33 4.19
N ILE B 155 -4.00 -33.16 3.58
CA ILE B 155 -4.86 -34.08 4.31
C ILE B 155 -4.12 -35.28 4.85
N SER B 156 -2.89 -35.54 4.40
CA SER B 156 -2.02 -36.43 5.13
C SER B 156 -2.15 -36.14 6.62
N ARG B 157 -1.71 -34.93 7.00
CA ARG B 157 -1.65 -34.54 8.42
C ARG B 157 -3.04 -34.49 9.07
N GLY B 158 -4.08 -34.07 8.34
CA GLY B 158 -5.45 -34.21 8.80
C GLY B 158 -6.28 -33.00 8.45
N ALA B 159 -6.02 -32.42 7.28
CA ALA B 159 -6.65 -31.16 6.87
C ALA B 159 -8.14 -31.36 6.57
N ALA B 160 -8.99 -30.63 7.29
CA ALA B 160 -10.44 -30.79 7.19
C ALA B 160 -10.96 -30.28 5.85
N ASP B 161 -11.74 -29.21 5.91
CA ASP B 161 -12.22 -28.57 4.70
C ASP B 161 -11.10 -27.73 4.11
N ILE B 162 -10.85 -27.91 2.81
CA ILE B 162 -9.86 -27.15 2.06
C ILE B 162 -10.58 -26.24 1.07
N THR B 163 -10.04 -25.04 0.89
CA THR B 163 -10.45 -24.14 -0.16
C THR B 163 -9.27 -23.93 -1.09
N VAL B 164 -9.53 -23.85 -2.39
CA VAL B 164 -8.47 -23.51 -3.34
C VAL B 164 -8.85 -22.18 -3.97
N LEU B 165 -7.83 -21.39 -4.25
CA LEU B 165 -7.98 -20.09 -4.92
C LEU B 165 -7.03 -20.06 -6.10
N CYS B 166 -7.59 -19.96 -7.30
CA CYS B 166 -6.80 -19.69 -8.49
C CYS B 166 -7.47 -18.59 -9.30
N VAL B 167 -6.73 -18.09 -10.28
CA VAL B 167 -7.30 -17.15 -11.23
C VAL B 167 -7.87 -17.88 -12.43
N VAL B 168 -7.23 -18.98 -12.86
CA VAL B 168 -7.66 -19.69 -14.05
C VAL B 168 -7.45 -21.19 -13.84
N ALA B 169 -8.44 -21.98 -14.25
CA ALA B 169 -8.39 -23.43 -14.18
C ALA B 169 -8.75 -24.04 -15.52
N ALA B 170 -8.16 -25.13 -15.78
CA ALA B 170 -8.36 -26.05 -16.88
C ALA B 170 -9.32 -27.14 -16.45
N PRO B 171 -10.26 -27.55 -17.30
CA PRO B 171 -11.07 -28.72 -16.95
C PRO B 171 -10.22 -29.89 -16.49
N GLU B 172 -9.10 -30.14 -17.15
CA GLU B 172 -8.17 -31.19 -16.71
C GLU B 172 -7.82 -31.04 -15.24
N GLY B 173 -7.40 -29.84 -14.83
CA GLY B 173 -7.03 -29.64 -13.44
C GLY B 173 -8.17 -29.90 -12.47
N ILE B 174 -9.36 -29.41 -12.79
CA ILE B 174 -10.50 -29.66 -11.93
C ILE B 174 -10.83 -31.14 -11.90
N ALA B 175 -10.64 -31.81 -13.04
CA ALA B 175 -10.78 -33.26 -13.11
C ALA B 175 -9.84 -33.95 -12.15
N ALA B 176 -8.54 -33.60 -12.22
CA ALA B 176 -7.59 -34.10 -11.22
C ALA B 176 -8.05 -33.83 -9.79
N LEU B 177 -8.69 -32.69 -9.55
CA LEU B 177 -9.02 -32.27 -8.18
C LEU B 177 -9.90 -33.26 -7.47
N GLN B 178 -11.16 -33.37 -7.88
CA GLN B 178 -12.06 -34.31 -7.23
C GLN B 178 -11.56 -35.74 -7.30
N LYS B 179 -10.76 -36.07 -8.31
CA LYS B 179 -10.07 -37.37 -8.31
C LYS B 179 -9.32 -37.59 -7.00
N ALA B 180 -8.75 -36.52 -6.43
CA ALA B 180 -7.87 -36.61 -5.26
C ALA B 180 -8.60 -36.27 -3.95
N ALA B 181 -9.18 -35.08 -3.85
CA ALA B 181 -10.11 -34.81 -2.75
C ALA B 181 -11.45 -34.37 -3.31
N PRO B 182 -12.54 -35.10 -3.06
CA PRO B 182 -13.85 -34.68 -3.61
C PRO B 182 -14.72 -33.90 -2.64
N ASN B 183 -14.15 -33.37 -1.56
CA ASN B 183 -14.80 -32.40 -0.70
C ASN B 183 -14.26 -30.98 -0.89
N VAL B 184 -13.06 -30.85 -1.48
CA VAL B 184 -12.46 -29.53 -1.67
C VAL B 184 -13.39 -28.60 -2.44
N ARG B 185 -13.32 -27.30 -2.12
CA ARG B 185 -13.96 -26.23 -2.88
C ARG B 185 -12.88 -25.43 -3.59
N LEU B 186 -13.25 -24.83 -4.72
CA LEU B 186 -12.31 -24.14 -5.60
C LEU B 186 -12.92 -22.84 -6.05
N PHE B 187 -12.16 -21.76 -6.00
CA PHE B 187 -12.60 -20.46 -6.45
C PHE B 187 -11.62 -19.98 -7.49
N THR B 188 -12.14 -19.60 -8.65
CA THR B 188 -11.37 -19.23 -9.82
C THR B 188 -12.06 -18.09 -10.52
N ALA B 189 -11.29 -17.28 -11.22
CA ALA B 189 -11.87 -16.16 -11.94
C ALA B 189 -12.46 -16.56 -13.27
N ALA B 190 -12.07 -17.71 -13.82
CA ALA B 190 -12.65 -18.19 -15.06
C ALA B 190 -12.28 -19.65 -15.26
N ILE B 191 -13.08 -20.35 -16.05
CA ILE B 191 -12.77 -21.70 -16.52
C ILE B 191 -12.49 -21.61 -18.01
N ASP B 192 -11.32 -22.11 -18.42
CA ASP B 192 -10.85 -22.01 -19.79
C ASP B 192 -11.05 -23.32 -20.55
N GLU B 193 -10.63 -23.31 -21.80
CA GLU B 193 -10.86 -24.46 -22.67
C GLU B 193 -10.15 -25.70 -22.15
N GLY B 194 -8.95 -25.53 -21.61
CA GLY B 194 -8.05 -26.63 -21.37
C GLY B 194 -6.64 -26.19 -21.75
N LEU B 195 -5.73 -27.16 -21.68
CA LEU B 195 -4.32 -26.92 -21.88
C LEU B 195 -3.99 -27.19 -23.33
N ASN B 196 -2.70 -27.08 -23.67
CA ASN B 196 -2.29 -27.31 -25.05
C ASN B 196 -1.16 -28.34 -25.03
N GLU B 197 -0.33 -28.30 -26.09
CA GLU B 197 0.73 -29.29 -26.24
C GLU B 197 1.75 -29.17 -25.10
N VAL B 198 2.10 -27.94 -24.72
CA VAL B 198 3.07 -27.69 -23.67
C VAL B 198 2.46 -27.70 -22.27
N ALA B 199 1.14 -27.90 -22.17
CA ALA B 199 0.41 -27.95 -20.90
C ALA B 199 0.33 -26.57 -20.24
N TYR B 200 0.06 -25.56 -21.06
CA TYR B 200 -0.32 -24.24 -20.62
C TYR B 200 -1.81 -24.06 -20.88
N ILE B 201 -2.47 -23.25 -20.03
CA ILE B 201 -3.91 -23.03 -20.14
C ILE B 201 -4.20 -22.05 -21.27
N VAL B 202 -5.16 -22.40 -22.11
CA VAL B 202 -5.50 -21.58 -23.25
C VAL B 202 -6.95 -21.17 -23.16
N PRO B 203 -7.25 -19.86 -23.34
CA PRO B 203 -6.32 -18.74 -23.59
C PRO B 203 -5.30 -18.51 -22.45
N GLY B 204 -5.74 -18.47 -21.18
CA GLY B 204 -4.86 -18.36 -20.05
C GLY B 204 -4.14 -17.02 -20.05
N LEU B 205 -3.00 -16.99 -19.37
CA LEU B 205 -2.23 -15.76 -19.21
C LEU B 205 -0.77 -15.94 -19.61
N GLY B 206 -0.37 -17.16 -20.01
CA GLY B 206 1.05 -17.49 -20.20
C GLY B 206 1.59 -18.32 -19.04
N ASP B 207 2.78 -17.96 -18.55
CA ASP B 207 3.38 -18.61 -17.39
C ASP B 207 3.31 -17.62 -16.24
N ALA B 208 2.40 -17.87 -15.29
CA ALA B 208 2.13 -16.88 -14.25
C ALA B 208 3.39 -16.54 -13.48
N GLY B 209 4.24 -17.53 -13.22
CA GLY B 209 5.50 -17.26 -12.57
C GLY B 209 6.37 -16.30 -13.37
N ASP B 210 6.49 -16.52 -14.69
CA ASP B 210 7.41 -15.73 -15.49
C ASP B 210 6.98 -14.28 -15.60
N ARG B 211 5.69 -14.00 -15.43
CA ARG B 211 5.13 -12.67 -15.54
C ARG B 211 5.08 -11.92 -14.22
N GLN B 212 5.89 -12.32 -13.24
CA GLN B 212 6.14 -11.55 -12.02
C GLN B 212 7.61 -11.49 -11.64
N PHE B 213 8.41 -12.48 -12.00
CA PHE B 213 9.80 -12.55 -11.53
C PHE B 213 10.83 -12.41 -12.66
N ALA C 9 36.83 -10.18 8.51
CA ALA C 9 35.54 -10.10 7.81
C ALA C 9 35.42 -8.83 6.95
N VAL C 10 34.32 -8.08 7.13
CA VAL C 10 33.92 -6.89 6.36
C VAL C 10 33.01 -7.36 5.22
N GLN C 11 32.37 -6.47 4.45
CA GLN C 11 32.26 -5.03 4.69
C GLN C 11 30.82 -4.72 5.09
N VAL C 12 30.65 -4.29 6.31
CA VAL C 12 29.35 -4.00 6.91
C VAL C 12 29.01 -2.54 6.72
N HIS C 13 27.73 -2.26 6.50
CA HIS C 13 27.23 -0.90 6.57
C HIS C 13 26.04 -0.91 7.50
N VAL C 14 26.14 -0.18 8.59
CA VAL C 14 25.06 -0.10 9.57
C VAL C 14 24.20 1.09 9.17
N VAL C 15 22.90 0.86 8.99
CA VAL C 15 21.99 1.95 8.69
C VAL C 15 21.56 2.62 9.99
N ASP C 16 22.28 3.65 10.42
CA ASP C 16 21.98 4.27 11.69
C ASP C 16 21.10 5.52 11.57
N HIS C 17 20.22 5.53 10.61
CA HIS C 17 19.31 6.60 10.24
C HIS C 17 18.19 6.71 11.27
N PRO C 18 17.71 7.94 11.51
CA PRO C 18 16.66 8.12 12.52
C PRO C 18 15.42 7.24 12.34
N LEU C 19 14.82 7.27 11.15
CA LEU C 19 13.69 6.40 10.89
C LEU C 19 14.09 4.94 10.99
N ALA C 20 15.27 4.59 10.49
CA ALA C 20 15.66 3.18 10.54
C ALA C 20 15.69 2.70 11.98
N ALA C 21 16.26 3.52 12.88
CA ALA C 21 16.36 3.13 14.28
C ALA C 21 14.99 3.00 14.95
N ALA C 22 14.05 3.88 14.61
CA ALA C 22 12.71 3.75 15.16
C ALA C 22 12.03 2.47 14.69
N ARG C 23 12.19 2.13 13.40
CA ARG C 23 11.55 0.92 12.88
C ARG C 23 12.16 -0.34 13.50
N LEU C 24 13.47 -0.36 13.71
CA LEU C 24 14.10 -1.47 14.40
C LEU C 24 13.56 -1.63 15.82
N THR C 25 13.45 -0.51 16.53
CA THR C 25 12.94 -0.51 17.89
C THR C 25 11.52 -1.09 17.93
N THR C 26 10.69 -0.77 16.93
CA THR C 26 9.38 -1.38 16.84
C THR C 26 9.49 -2.88 16.58
N LEU C 27 10.38 -3.27 15.67
CA LEU C 27 10.50 -4.67 15.29
C LEU C 27 10.96 -5.51 16.46
N ARG C 28 11.80 -4.94 17.32
CA ARG C 28 12.29 -5.70 18.46
C ARG C 28 11.28 -5.81 19.59
N ASP C 29 10.46 -4.80 19.82
CA ASP C 29 9.53 -4.83 20.96
C ASP C 29 8.66 -6.08 20.89
N GLU C 30 8.53 -6.78 22.02
CA GLU C 30 7.67 -7.95 22.02
C GLU C 30 6.20 -7.59 22.08
N ARG C 31 5.89 -6.38 22.55
CA ARG C 31 4.52 -5.88 22.67
C ARG C 31 3.85 -5.68 21.32
N THR C 32 4.64 -5.51 20.26
CA THR C 32 4.12 -5.19 18.94
C THR C 32 3.47 -6.40 18.26
N ASP C 33 2.23 -6.19 17.80
CA ASP C 33 1.49 -7.20 17.04
C ASP C 33 2.15 -7.49 15.68
N ASN C 34 1.99 -8.72 15.21
CA ASN C 34 2.67 -9.16 14.01
C ASN C 34 2.21 -8.40 12.78
N ALA C 35 1.02 -7.80 12.80
CA ALA C 35 0.69 -6.90 11.71
C ALA C 35 1.59 -5.67 11.74
N GLY C 36 1.72 -5.04 12.91
CA GLY C 36 2.70 -3.98 13.08
C GLY C 36 4.12 -4.46 12.90
N PHE C 37 4.37 -5.75 13.20
CA PHE C 37 5.70 -6.31 12.93
C PHE C 37 6.01 -6.37 11.44
N ARG C 38 5.05 -6.83 10.62
CA ARG C 38 5.30 -6.88 9.19
C ARG C 38 5.37 -5.48 8.58
N ALA C 39 4.52 -4.55 9.08
CA ALA C 39 4.54 -3.20 8.53
C ALA C 39 5.86 -2.51 8.83
N ALA C 40 6.32 -2.57 10.08
CA ALA C 40 7.60 -1.96 10.41
C ALA C 40 8.75 -2.67 9.71
N LEU C 41 8.63 -3.98 9.49
CA LEU C 41 9.62 -4.64 8.68
C LEU C 41 9.60 -4.08 7.27
N ARG C 42 8.44 -4.14 6.64
CA ARG C 42 8.24 -3.62 5.28
C ARG C 42 8.90 -2.27 5.12
N GLU C 43 8.50 -1.31 5.95
CA GLU C 43 9.05 0.04 5.91
C GLU C 43 10.56 0.06 6.10
N LEU C 44 11.05 -0.66 7.10
CA LEU C 44 12.48 -0.70 7.38
C LEU C 44 13.28 -1.30 6.21
N THR C 45 12.65 -2.04 5.32
CA THR C 45 13.41 -2.61 4.21
C THR C 45 13.85 -1.54 3.22
N LEU C 46 12.92 -0.65 2.82
CA LEU C 46 13.26 0.34 1.80
C LEU C 46 14.48 1.14 2.21
N LEU C 47 14.56 1.50 3.49
CA LEU C 47 15.72 2.21 3.99
C LEU C 47 16.98 1.45 3.66
N LEU C 48 16.98 0.13 3.87
CA LEU C 48 18.14 -0.66 3.51
C LEU C 48 18.34 -0.63 2.02
N ILE C 49 17.25 -0.74 1.26
CA ILE C 49 17.35 -0.70 -0.18
C ILE C 49 17.96 0.61 -0.62
N TYR C 50 17.42 1.71 -0.09
CA TYR C 50 17.88 3.04 -0.45
C TYR C 50 19.36 3.19 -0.22
N GLU C 51 19.86 2.71 0.91
CA GLU C 51 21.29 2.80 1.18
C GLU C 51 22.09 1.90 0.24
N ALA C 52 21.58 0.70 -0.05
CA ALA C 52 22.34 -0.28 -0.82
C ALA C 52 22.35 0.05 -2.30
N THR C 53 21.41 0.89 -2.73
CA THR C 53 21.28 1.32 -4.11
C THR C 53 21.72 2.76 -4.33
N ARG C 54 22.75 3.22 -3.59
CA ARG C 54 23.21 4.59 -3.79
C ARG C 54 24.26 4.67 -4.88
N ASP C 55 25.18 3.71 -4.92
CA ASP C 55 26.18 3.65 -5.99
C ASP C 55 25.75 2.69 -7.09
N ALA C 56 24.48 2.83 -7.57
CA ALA C 56 23.94 2.13 -8.73
C ALA C 56 24.19 2.91 -10.02
N PRO C 57 24.15 2.26 -11.19
CA PRO C 57 24.40 3.00 -12.44
C PRO C 57 23.21 3.79 -12.97
N CYS C 58 23.35 4.35 -14.17
CA CYS C 58 22.25 5.01 -14.86
C CYS C 58 22.60 5.03 -16.35
N GLU C 59 21.59 5.30 -17.19
CA GLU C 59 21.76 5.17 -18.65
C GLU C 59 22.39 6.40 -19.35
N PRO C 60 21.65 7.51 -19.60
CA PRO C 60 20.33 8.20 -19.60
C PRO C 60 19.36 7.81 -20.74
N VAL C 61 18.08 8.17 -20.62
CA VAL C 61 17.04 7.72 -21.54
C VAL C 61 16.23 8.87 -22.13
N PRO C 62 15.92 8.84 -23.44
CA PRO C 62 15.04 9.85 -24.03
C PRO C 62 13.57 9.56 -23.74
N ILE C 63 12.85 10.56 -23.22
CA ILE C 63 11.41 10.45 -22.98
C ILE C 63 10.76 11.77 -23.34
N ARG C 64 9.42 11.76 -23.37
CA ARG C 64 8.64 12.94 -23.72
C ARG C 64 7.58 13.17 -22.66
N THR C 65 7.54 14.42 -22.16
CA THR C 65 6.55 14.96 -21.27
C THR C 65 5.32 15.34 -22.07
N PRO C 66 4.17 15.48 -21.42
CA PRO C 66 3.05 16.18 -22.09
C PRO C 66 3.42 17.56 -22.59
N LEU C 67 4.58 18.14 -22.18
CA LEU C 67 4.92 19.49 -22.61
C LEU C 67 6.27 19.66 -23.32
N ALA C 68 7.27 18.80 -23.10
CA ALA C 68 8.53 19.00 -23.82
C ALA C 68 9.38 17.74 -23.83
N GLU C 69 10.37 17.73 -24.72
CA GLU C 69 11.26 16.58 -24.82
C GLU C 69 12.43 16.77 -23.87
N THR C 70 12.78 15.69 -23.17
CA THR C 70 13.74 15.70 -22.08
C THR C 70 14.39 14.33 -21.97
N VAL C 71 15.31 14.24 -21.04
CA VAL C 71 16.05 13.03 -20.76
C VAL C 71 16.04 12.75 -19.25
N GLY C 72 15.79 11.50 -18.90
CA GLY C 72 15.97 11.12 -17.52
C GLY C 72 16.99 10.00 -17.41
N SER C 73 17.01 9.39 -16.24
CA SER C 73 17.83 8.23 -16.01
C SER C 73 16.93 7.10 -15.51
N ARG C 74 17.39 5.89 -15.77
CA ARG C 74 16.92 4.65 -15.18
C ARG C 74 18.14 3.90 -14.65
N LEU C 75 17.91 2.68 -14.19
CA LEU C 75 19.00 1.83 -13.81
C LEU C 75 19.38 0.94 -14.98
N THR C 76 20.68 0.79 -15.18
CA THR C 76 21.17 -0.02 -16.29
C THR C 76 21.11 -1.49 -15.93
N LYS C 77 21.55 -1.84 -14.74
CA LYS C 77 21.59 -3.22 -14.27
C LYS C 77 20.83 -3.32 -12.95
N PRO C 78 19.51 -3.50 -13.00
CA PRO C 78 18.75 -3.66 -11.76
C PRO C 78 18.93 -5.06 -11.19
N PRO C 79 19.04 -5.18 -9.87
CA PRO C 79 19.55 -6.41 -9.27
C PRO C 79 18.57 -7.57 -9.25
N LEU C 80 19.11 -8.79 -9.31
CA LEU C 80 18.30 -9.96 -9.02
C LEU C 80 18.01 -10.04 -7.53
N LEU C 81 16.76 -9.90 -7.14
CA LEU C 81 16.38 -10.07 -5.75
C LEU C 81 16.31 -11.55 -5.41
N VAL C 82 16.84 -11.91 -4.25
CA VAL C 82 16.79 -13.28 -3.75
C VAL C 82 16.35 -13.30 -2.29
N PRO C 83 15.05 -13.33 -1.99
CA PRO C 83 14.60 -13.45 -0.59
C PRO C 83 14.90 -14.81 -0.01
N VAL C 84 15.45 -14.84 1.20
CA VAL C 84 15.65 -16.10 1.93
C VAL C 84 14.40 -16.38 2.76
N LEU C 85 13.65 -17.40 2.34
CA LEU C 85 12.47 -17.87 3.03
C LEU C 85 12.80 -19.00 3.98
N ARG C 86 11.94 -19.30 4.96
CA ARG C 86 10.63 -18.66 5.22
C ARG C 86 10.61 -17.18 5.61
N ALA C 87 11.71 -16.68 6.15
CA ALA C 87 11.66 -15.38 6.84
C ALA C 87 11.46 -14.21 5.87
N GLY C 88 12.15 -14.21 4.73
CA GLY C 88 12.29 -13.00 3.92
C GLY C 88 11.32 -12.62 2.81
N LEU C 89 10.05 -12.97 2.94
CA LEU C 89 9.08 -12.49 1.99
C LEU C 89 8.31 -11.28 2.52
N GLY C 90 8.28 -11.08 3.84
CA GLY C 90 7.86 -9.79 4.36
C GLY C 90 8.76 -8.65 3.93
N MET C 91 9.93 -8.98 3.38
CA MET C 91 10.90 -8.01 2.91
C MET C 91 10.70 -7.70 1.44
N VAL C 92 10.20 -8.65 0.64
CA VAL C 92 10.45 -8.54 -0.79
C VAL C 92 9.31 -7.82 -1.50
N ASP C 93 8.08 -7.96 -0.98
CA ASP C 93 6.94 -7.39 -1.70
C ASP C 93 6.93 -5.86 -1.67
N GLU C 94 7.78 -5.24 -0.85
CA GLU C 94 7.94 -3.80 -0.89
C GLU C 94 9.26 -3.36 -1.49
N ALA C 95 10.30 -4.20 -1.42
CA ALA C 95 11.45 -3.91 -2.25
C ALA C 95 11.03 -3.80 -3.72
N HIS C 96 10.16 -4.73 -4.18
CA HIS C 96 9.52 -4.61 -5.48
C HIS C 96 9.17 -3.19 -5.82
N ALA C 97 8.44 -2.53 -4.91
CA ALA C 97 8.05 -1.15 -5.14
C ALA C 97 9.26 -0.26 -5.39
N ALA C 98 10.24 -0.31 -4.49
CA ALA C 98 11.39 0.58 -4.66
C ALA C 98 12.08 0.34 -6.01
N LEU C 99 12.20 -0.92 -6.43
CA LEU C 99 12.85 -1.30 -7.68
C LEU C 99 11.83 -2.07 -8.52
N PRO C 100 10.96 -1.36 -9.25
CA PRO C 100 10.02 -2.08 -10.13
C PRO C 100 10.71 -3.00 -11.12
N GLU C 101 11.86 -2.58 -11.64
CA GLU C 101 12.60 -3.30 -12.68
C GLU C 101 13.36 -4.52 -12.18
N ALA C 102 13.46 -4.73 -10.86
CA ALA C 102 14.19 -5.88 -10.33
C ALA C 102 13.37 -7.18 -10.45
N HIS C 103 14.01 -8.23 -10.96
CA HIS C 103 13.49 -9.59 -11.03
C HIS C 103 13.80 -10.35 -9.73
N VAL C 104 13.08 -11.47 -9.52
CA VAL C 104 13.11 -12.20 -8.25
C VAL C 104 13.52 -13.66 -8.46
N GLY C 105 14.31 -14.18 -7.51
CA GLY C 105 14.58 -15.61 -7.43
C GLY C 105 14.43 -16.10 -6.00
N PHE C 106 14.08 -17.38 -5.87
CA PHE C 106 13.65 -17.96 -4.59
C PHE C 106 14.44 -19.19 -4.18
N VAL C 107 14.81 -19.25 -2.90
CA VAL C 107 15.25 -20.46 -2.22
C VAL C 107 14.84 -20.28 -0.76
N GLY C 108 14.57 -21.39 -0.07
CA GLY C 108 14.16 -21.35 1.33
C GLY C 108 14.92 -22.38 2.13
N VAL C 109 14.97 -22.15 3.44
CA VAL C 109 15.76 -22.93 4.39
C VAL C 109 15.05 -22.91 5.74
N ALA C 110 15.32 -23.94 6.54
CA ALA C 110 14.69 -24.12 7.83
C ALA C 110 15.59 -24.72 8.89
N ARG C 111 15.95 -23.91 9.88
CA ARG C 111 16.84 -24.35 10.95
C ARG C 111 16.10 -25.08 12.06
N ASP C 112 16.68 -26.21 12.48
CA ASP C 112 16.00 -27.11 13.39
C ASP C 112 16.08 -26.71 14.85
N GLU C 113 15.25 -27.39 15.65
CA GLU C 113 15.16 -27.22 17.09
C GLU C 113 15.92 -28.30 17.82
N GLN C 114 16.99 -28.78 17.20
CA GLN C 114 17.85 -29.72 17.84
C GLN C 114 19.18 -29.81 17.13
N THR C 115 19.15 -30.17 15.85
CA THR C 115 20.37 -30.34 15.10
C THR C 115 21.10 -29.05 14.82
N HIS C 116 20.41 -27.91 14.98
CA HIS C 116 21.00 -26.61 14.72
C HIS C 116 21.33 -26.32 13.28
N GLN C 117 20.97 -27.21 12.36
CA GLN C 117 21.25 -26.99 10.97
C GLN C 117 20.00 -26.57 10.24
N PRO C 118 20.17 -25.77 9.18
CA PRO C 118 19.07 -25.45 8.28
C PRO C 118 18.83 -26.56 7.26
N VAL C 119 17.61 -27.08 7.22
CA VAL C 119 17.21 -27.92 6.11
C VAL C 119 16.84 -27.11 4.88
N PRO C 120 17.82 -26.74 4.07
CA PRO C 120 17.55 -25.91 2.91
C PRO C 120 16.68 -26.61 1.87
N TYR C 121 15.83 -25.82 1.21
CA TYR C 121 14.90 -26.36 0.22
C TYR C 121 14.44 -25.23 -0.69
N LEU C 122 14.72 -25.36 -1.97
CA LEU C 122 14.47 -24.32 -2.93
C LEU C 122 15.51 -24.42 -4.01
N ASP C 123 15.09 -24.13 -5.24
CA ASP C 123 15.99 -24.01 -6.37
C ASP C 123 15.21 -23.38 -7.49
N SER C 124 14.70 -22.16 -7.26
CA SER C 124 13.78 -21.52 -8.19
C SER C 124 14.20 -20.11 -8.56
N LEU C 125 14.84 -19.98 -9.73
CA LEU C 125 15.78 -18.90 -9.97
C LEU C 125 15.65 -18.36 -11.39
N PRO C 126 16.63 -17.54 -11.75
CA PRO C 126 16.99 -17.25 -13.12
C PRO C 126 18.43 -17.67 -13.34
N ASP C 127 18.66 -18.64 -14.24
CA ASP C 127 19.97 -19.28 -14.41
C ASP C 127 21.09 -18.26 -14.60
N ASP C 128 22.29 -18.64 -14.21
CA ASP C 128 23.38 -17.69 -14.09
C ASP C 128 24.15 -17.44 -15.37
N LEU C 129 24.80 -16.26 -15.42
CA LEU C 129 25.57 -15.83 -16.57
C LEU C 129 26.41 -14.59 -16.27
N THR C 130 25.76 -13.52 -15.81
CA THR C 130 26.43 -12.23 -15.59
C THR C 130 27.29 -12.18 -14.33
N ASP C 131 27.87 -11.03 -13.96
CA ASP C 131 27.54 -9.64 -14.35
C ASP C 131 26.04 -9.33 -14.09
N VAL C 132 25.55 -9.86 -12.97
CA VAL C 132 24.20 -9.65 -12.46
C VAL C 132 24.29 -9.33 -10.98
N PRO C 133 23.93 -8.13 -10.54
CA PRO C 133 23.93 -7.84 -9.10
C PRO C 133 22.79 -8.54 -8.40
N VAL C 134 23.07 -8.97 -7.16
CA VAL C 134 22.12 -9.76 -6.37
C VAL C 134 22.01 -9.14 -5.00
N MET C 135 20.77 -8.96 -4.53
CA MET C 135 20.46 -8.48 -3.19
C MET C 135 19.73 -9.59 -2.46
N VAL C 136 20.42 -10.32 -1.59
CA VAL C 136 19.77 -11.35 -0.81
C VAL C 136 19.11 -10.71 0.41
N LEU C 137 17.86 -11.09 0.67
CA LEU C 137 17.04 -10.50 1.73
C LEU C 137 16.71 -11.60 2.73
N ASP C 138 17.18 -11.46 3.98
CA ASP C 138 16.64 -12.24 5.09
C ASP C 138 16.95 -11.52 6.41
N PRO C 139 15.96 -11.40 7.29
CA PRO C 139 16.09 -10.50 8.46
C PRO C 139 17.17 -10.83 9.49
N MET C 140 17.38 -12.09 9.84
CA MET C 140 18.32 -12.51 10.88
C MET C 140 19.44 -13.33 10.28
N VAL C 141 20.63 -12.74 10.23
CA VAL C 141 21.87 -13.45 9.85
C VAL C 141 22.59 -13.81 11.15
N ALA C 142 22.23 -14.97 11.68
CA ALA C 142 22.64 -15.43 13.00
C ALA C 142 23.87 -16.32 12.87
N THR C 143 23.63 -17.60 12.55
CA THR C 143 24.75 -18.52 12.39
C THR C 143 25.54 -18.26 11.10
N GLY C 144 24.82 -17.95 10.01
CA GLY C 144 25.39 -17.87 8.68
C GLY C 144 25.10 -19.08 7.81
N GLY C 145 24.63 -20.19 8.40
CA GLY C 145 24.35 -21.38 7.59
C GLY C 145 23.33 -21.12 6.50
N SER C 146 22.21 -20.48 6.87
CA SER C 146 21.20 -20.14 5.87
C SER C 146 21.77 -19.23 4.79
N MET C 147 22.47 -18.18 5.20
CA MET C 147 23.04 -17.25 4.25
C MET C 147 24.08 -17.96 3.40
N THR C 148 25.05 -18.57 4.06
CA THR C 148 26.15 -19.25 3.38
C THR C 148 25.66 -20.36 2.43
N HIS C 149 24.60 -21.07 2.80
CA HIS C 149 24.05 -22.02 1.84
C HIS C 149 23.61 -21.32 0.55
N THR C 150 22.82 -20.25 0.68
CA THR C 150 22.34 -19.51 -0.49
C THR C 150 23.50 -19.03 -1.34
N LEU C 151 24.51 -18.42 -0.70
CA LEU C 151 25.60 -17.81 -1.45
C LEU C 151 26.40 -18.85 -2.19
N GLY C 152 26.46 -20.07 -1.65
CA GLY C 152 27.11 -21.15 -2.36
C GLY C 152 26.48 -21.40 -3.72
N LEU C 153 25.16 -21.38 -3.78
CA LEU C 153 24.49 -21.63 -5.05
C LEU C 153 24.36 -20.38 -5.89
N LEU C 154 24.46 -19.20 -5.29
CA LEU C 154 24.59 -17.99 -6.10
C LEU C 154 25.90 -17.98 -6.88
N ILE C 155 27.02 -18.18 -6.18
CA ILE C 155 28.36 -18.15 -6.79
C ILE C 155 28.68 -19.47 -7.47
N SER C 156 27.91 -20.52 -7.21
CA SER C 156 27.99 -21.72 -8.05
C SER C 156 27.68 -21.40 -9.49
N ARG C 157 26.69 -20.54 -9.73
CA ARG C 157 26.38 -20.11 -11.09
C ARG C 157 27.27 -18.96 -11.58
N GLY C 158 28.15 -18.42 -10.73
CA GLY C 158 29.02 -17.35 -11.15
C GLY C 158 28.49 -15.96 -10.82
N ALA C 159 27.92 -15.81 -9.62
CA ALA C 159 27.43 -14.51 -9.16
C ALA C 159 28.58 -13.53 -8.92
N ALA C 160 28.43 -12.31 -9.45
CA ALA C 160 29.46 -11.26 -9.46
C ALA C 160 29.66 -10.60 -8.11
N ASP C 161 29.04 -9.44 -7.93
CA ASP C 161 29.00 -8.73 -6.65
C ASP C 161 27.71 -9.09 -5.92
N ILE C 162 27.82 -9.42 -4.63
CA ILE C 162 26.66 -9.83 -3.85
C ILE C 162 26.47 -8.86 -2.70
N THR C 163 25.23 -8.39 -2.54
CA THR C 163 24.81 -7.53 -1.45
C THR C 163 23.85 -8.34 -0.59
N VAL C 164 23.96 -8.20 0.73
CA VAL C 164 23.05 -8.90 1.65
C VAL C 164 22.35 -7.86 2.50
N LEU C 165 21.01 -7.87 2.48
CA LEU C 165 20.22 -6.95 3.29
C LEU C 165 19.48 -7.74 4.36
N CYS C 166 19.62 -7.25 5.59
CA CYS C 166 19.08 -7.90 6.77
C CYS C 166 18.71 -6.87 7.83
N VAL C 167 18.06 -7.35 8.87
CA VAL C 167 17.59 -6.50 9.96
C VAL C 167 18.62 -6.40 11.07
N VAL C 168 19.16 -7.54 11.48
CA VAL C 168 20.14 -7.65 12.54
C VAL C 168 21.19 -8.64 12.11
N ALA C 169 22.42 -8.40 12.53
CA ALA C 169 23.51 -9.34 12.34
C ALA C 169 24.20 -9.60 13.66
N ALA C 170 24.70 -10.92 13.82
CA ALA C 170 25.55 -11.46 14.84
C ALA C 170 26.99 -11.55 14.34
N PRO C 171 27.96 -11.35 15.23
CA PRO C 171 29.36 -11.47 14.81
C PRO C 171 29.69 -12.84 14.24
N GLU C 172 29.05 -13.89 14.77
CA GLU C 172 29.28 -15.26 14.28
C GLU C 172 28.78 -15.41 12.86
N GLY C 173 27.63 -14.82 12.55
CA GLY C 173 27.12 -14.86 11.19
C GLY C 173 28.01 -14.10 10.23
N ILE C 174 28.44 -12.91 10.64
CA ILE C 174 29.33 -12.14 9.78
C ILE C 174 30.63 -12.87 9.60
N ALA C 175 31.08 -13.56 10.65
CA ALA C 175 32.29 -14.35 10.55
C ALA C 175 32.19 -15.42 9.46
N ALA C 176 31.05 -16.13 9.41
CA ALA C 176 30.88 -17.14 8.38
C ALA C 176 30.80 -16.50 7.00
N LEU C 177 30.31 -15.26 6.92
CA LEU C 177 30.20 -14.62 5.61
C LEU C 177 31.57 -14.55 4.96
N GLN C 178 32.49 -13.80 5.55
CA GLN C 178 33.82 -13.75 4.94
C GLN C 178 34.57 -15.06 5.07
N LYS C 179 34.00 -16.07 5.73
CA LYS C 179 34.50 -17.43 5.50
C LYS C 179 34.06 -17.92 4.13
N ALA C 180 32.79 -17.70 3.78
CA ALA C 180 32.31 -18.16 2.49
C ALA C 180 32.75 -17.22 1.38
N ALA C 181 32.35 -15.97 1.48
CA ALA C 181 32.64 -14.95 0.48
C ALA C 181 33.23 -13.73 1.18
N PRO C 182 34.50 -13.39 0.93
CA PRO C 182 35.05 -12.15 1.49
C PRO C 182 34.72 -10.90 0.68
N ASN C 183 34.04 -11.02 -0.46
CA ASN C 183 33.75 -9.88 -1.32
C ASN C 183 32.31 -9.40 -1.21
N VAL C 184 31.46 -10.10 -0.47
CA VAL C 184 30.11 -9.62 -0.29
C VAL C 184 30.11 -8.40 0.64
N ARG C 185 29.15 -7.51 0.40
CA ARG C 185 28.88 -6.38 1.28
C ARG C 185 27.57 -6.65 1.99
N LEU C 186 27.48 -6.20 3.24
CA LEU C 186 26.37 -6.44 4.13
C LEU C 186 25.82 -5.12 4.66
N PHE C 187 24.51 -4.99 4.65
CA PHE C 187 23.80 -3.82 5.18
C PHE C 187 22.85 -4.32 6.26
N THR C 188 23.09 -3.93 7.49
CA THR C 188 22.27 -4.28 8.62
C THR C 188 21.73 -3.03 9.25
N ALA C 189 20.67 -3.21 10.05
CA ALA C 189 20.27 -2.09 10.88
C ALA C 189 21.07 -2.06 12.15
N ALA C 190 21.54 -3.21 12.62
CA ALA C 190 22.34 -3.19 13.83
C ALA C 190 23.18 -4.46 13.87
N ILE C 191 24.33 -4.34 14.53
CA ILE C 191 25.14 -5.49 14.92
C ILE C 191 24.89 -5.70 16.43
N ASP C 192 24.44 -6.91 16.78
CA ASP C 192 24.03 -7.29 18.13
C ASP C 192 25.16 -8.01 18.88
N GLU C 193 24.80 -8.60 20.03
CA GLU C 193 25.76 -9.23 20.93
C GLU C 193 26.25 -10.58 20.39
N GLY C 194 25.33 -11.42 19.96
CA GLY C 194 25.67 -12.73 19.43
C GLY C 194 24.46 -13.62 19.51
N LEU C 195 24.71 -14.92 19.58
CA LEU C 195 23.66 -15.91 19.58
C LEU C 195 23.35 -16.34 21.01
N ASN C 196 22.57 -17.39 21.18
CA ASN C 196 22.39 -17.92 22.52
C ASN C 196 22.43 -19.44 22.44
N GLU C 197 22.06 -20.07 23.55
CA GLU C 197 21.93 -21.52 23.66
C GLU C 197 21.33 -22.09 22.38
N VAL C 198 20.26 -21.45 21.89
CA VAL C 198 19.38 -21.95 20.86
C VAL C 198 19.71 -21.38 19.46
N ALA C 199 20.83 -20.68 19.34
CA ALA C 199 21.30 -20.11 18.07
C ALA C 199 20.39 -19.00 17.57
N TYR C 200 19.69 -18.37 18.51
CA TYR C 200 18.97 -17.14 18.27
C TYR C 200 19.87 -15.95 18.58
N ILE C 201 19.69 -14.85 17.85
CA ILE C 201 20.44 -13.61 18.09
C ILE C 201 19.87 -12.87 19.29
N VAL C 202 20.73 -12.51 20.24
CA VAL C 202 20.32 -11.74 21.40
C VAL C 202 20.95 -10.34 21.34
N PRO C 203 20.16 -9.29 21.59
CA PRO C 203 18.76 -9.09 21.94
C PRO C 203 17.79 -9.43 20.82
N GLY C 204 18.14 -8.99 19.60
CA GLY C 204 17.43 -9.42 18.43
C GLY C 204 15.97 -9.02 18.45
N LEU C 205 15.16 -9.87 17.82
CA LEU C 205 13.71 -9.67 17.72
C LEU C 205 12.95 -10.95 18.03
N GLY C 206 13.62 -11.99 18.50
CA GLY C 206 13.05 -13.30 18.53
C GLY C 206 13.20 -14.00 17.19
N ASP C 207 12.16 -14.73 16.81
CA ASP C 207 12.10 -15.37 15.51
C ASP C 207 11.40 -14.44 14.51
N ALA C 208 12.12 -14.05 13.47
CA ALA C 208 11.54 -13.15 12.47
C ALA C 208 10.43 -13.83 11.68
N GLY C 209 10.56 -15.11 11.37
CA GLY C 209 9.51 -15.79 10.64
C GLY C 209 8.22 -15.86 11.43
N ASP C 210 8.30 -16.41 12.65
CA ASP C 210 7.10 -16.62 13.47
C ASP C 210 6.31 -15.34 13.66
N ARG C 211 7.00 -14.19 13.74
CA ARG C 211 6.37 -12.89 13.99
C ARG C 211 5.76 -12.24 12.73
N GLN C 212 5.70 -12.93 11.58
CA GLN C 212 4.82 -12.56 10.48
C GLN C 212 3.82 -13.65 10.06
N PHE C 213 4.08 -14.94 10.34
CA PHE C 213 3.25 -16.08 9.87
C PHE C 213 2.57 -16.93 10.98
N ALA D 1 -28.18 -7.59 6.34
CA ALA D 1 -27.68 -7.41 4.98
C ALA D 1 -28.84 -7.60 4.07
N ALA D 2 -29.33 -6.48 3.56
CA ALA D 2 -30.50 -6.41 2.68
C ALA D 2 -30.66 -5.00 2.04
N GLY D 3 -30.63 -3.91 2.82
CA GLY D 3 -30.39 -3.89 4.26
C GLY D 3 -31.60 -3.47 5.05
N VAL D 4 -32.21 -2.35 4.66
CA VAL D 4 -33.47 -1.90 5.26
C VAL D 4 -34.02 -0.79 4.36
N ALA D 5 -35.27 -0.38 4.58
CA ALA D 5 -35.90 0.58 3.69
C ALA D 5 -35.98 2.00 4.26
N PHE D 6 -36.36 2.15 5.53
CA PHE D 6 -36.43 3.47 6.16
C PHE D 6 -37.46 4.42 5.51
N GLN D 7 -37.30 5.75 5.71
CA GLN D 7 -38.43 6.66 5.52
C GLN D 7 -38.64 7.08 4.06
N GLY D 8 -37.60 7.48 3.35
CA GLY D 8 -37.90 7.95 2.02
C GLY D 8 -37.74 6.85 1.02
N ALA D 9 -37.93 5.60 1.45
CA ALA D 9 -37.38 4.42 0.75
C ALA D 9 -35.90 4.59 0.45
N VAL D 10 -35.15 5.08 1.44
CA VAL D 10 -33.70 5.07 1.35
C VAL D 10 -33.22 3.63 1.49
N GLN D 11 -32.57 3.11 0.46
CA GLN D 11 -32.11 1.73 0.48
C GLN D 11 -30.72 1.68 1.08
N VAL D 12 -30.56 0.85 2.11
CA VAL D 12 -29.31 0.68 2.83
C VAL D 12 -28.86 -0.76 2.66
N HIS D 13 -27.57 -0.99 2.58
CA HIS D 13 -27.04 -2.34 2.45
C HIS D 13 -26.00 -2.52 3.55
N VAL D 14 -26.15 -3.56 4.38
CA VAL D 14 -25.24 -3.72 5.51
C VAL D 14 -24.23 -4.82 5.19
N VAL D 15 -22.99 -4.43 4.90
CA VAL D 15 -21.90 -5.37 4.69
C VAL D 15 -21.70 -6.18 5.97
N ASP D 16 -22.39 -7.30 6.10
CA ASP D 16 -22.19 -8.16 7.27
C ASP D 16 -21.00 -9.11 7.11
N HIS D 17 -20.18 -8.97 6.04
CA HIS D 17 -19.18 -9.98 5.69
C HIS D 17 -18.19 -10.21 6.84
N PRO D 18 -17.74 -11.46 7.05
CA PRO D 18 -16.85 -11.73 8.20
C PRO D 18 -15.58 -10.87 8.26
N LEU D 19 -14.83 -10.77 7.15
CA LEU D 19 -13.67 -9.90 7.16
C LEU D 19 -14.06 -8.44 7.28
N ALA D 20 -15.28 -8.09 6.87
CA ALA D 20 -15.79 -6.76 7.17
C ALA D 20 -15.94 -6.59 8.67
N ALA D 21 -16.63 -7.53 9.31
CA ALA D 21 -16.83 -7.46 10.75
C ALA D 21 -15.51 -7.29 11.47
N ALA D 22 -14.51 -8.07 11.08
CA ALA D 22 -13.22 -8.04 11.78
C ALA D 22 -12.53 -6.69 11.64
N ARG D 23 -12.48 -6.14 10.42
CA ARG D 23 -11.93 -4.80 10.25
C ARG D 23 -12.70 -3.78 11.07
N LEU D 24 -14.02 -3.91 11.09
CA LEU D 24 -14.85 -3.01 11.87
C LEU D 24 -14.52 -3.12 13.36
N THR D 25 -14.33 -4.35 13.84
CA THR D 25 -14.06 -4.53 15.26
C THR D 25 -12.70 -3.95 15.60
N THR D 26 -11.79 -3.96 14.64
CA THR D 26 -10.51 -3.25 14.79
C THR D 26 -10.72 -1.73 14.80
N LEU D 27 -11.61 -1.20 13.97
CA LEU D 27 -11.74 0.25 13.82
C LEU D 27 -12.29 0.92 15.06
N ARG D 28 -13.16 0.23 15.79
CA ARG D 28 -13.80 0.81 16.97
C ARG D 28 -12.98 0.68 18.25
N ASP D 29 -12.20 -0.40 18.41
CA ASP D 29 -11.39 -0.58 19.61
C ASP D 29 -10.60 0.69 19.94
N GLU D 30 -10.66 1.13 21.21
CA GLU D 30 -9.82 2.24 21.66
C GLU D 30 -8.37 1.82 21.90
N ARG D 31 -8.09 0.52 21.90
CA ARG D 31 -6.71 0.10 22.11
C ARG D 31 -5.86 0.29 20.86
N THR D 32 -6.49 0.32 19.68
CA THR D 32 -5.76 0.31 18.43
C THR D 32 -5.16 1.68 18.12
N ASP D 33 -3.94 1.67 17.60
CA ASP D 33 -3.21 2.89 17.31
C ASP D 33 -3.61 3.46 15.93
N ASN D 34 -3.27 4.73 15.71
CA ASN D 34 -3.73 5.41 14.51
C ASN D 34 -3.24 4.74 13.25
N ALA D 35 -2.06 4.13 13.30
CA ALA D 35 -1.60 3.35 12.16
C ALA D 35 -2.60 2.24 11.86
N GLY D 36 -2.79 1.33 12.83
CA GLY D 36 -3.72 0.23 12.65
C GLY D 36 -5.15 0.67 12.38
N PHE D 37 -5.52 1.87 12.84
CA PHE D 37 -6.81 2.43 12.46
C PHE D 37 -6.84 2.87 10.99
N ARG D 38 -5.73 3.42 10.49
CA ARG D 38 -5.69 3.79 9.08
C ARG D 38 -5.69 2.56 8.19
N ALA D 39 -4.88 1.56 8.55
CA ALA D 39 -4.81 0.34 7.79
C ALA D 39 -6.12 -0.45 7.85
N ALA D 40 -6.72 -0.56 9.04
CA ALA D 40 -8.04 -1.22 9.12
C ALA D 40 -9.08 -0.51 8.27
N LEU D 41 -9.16 0.81 8.38
CA LEU D 41 -10.09 1.60 7.56
C LEU D 41 -9.90 1.32 6.06
N ARG D 42 -8.65 1.32 5.60
CA ARG D 42 -8.36 1.15 4.18
C ARG D 42 -8.86 -0.19 3.66
N GLU D 43 -8.42 -1.29 4.27
CA GLU D 43 -8.84 -2.61 3.80
C GLU D 43 -10.35 -2.76 3.90
N LEU D 44 -10.96 -2.05 4.86
CA LEU D 44 -12.40 -2.06 4.99
C LEU D 44 -13.08 -1.30 3.89
N THR D 45 -12.37 -0.38 3.23
CA THR D 45 -13.01 0.38 2.16
C THR D 45 -13.18 -0.45 0.90
N LEU D 46 -12.23 -1.32 0.59
CA LEU D 46 -12.42 -2.15 -0.60
C LEU D 46 -13.59 -3.10 -0.42
N LEU D 47 -13.84 -3.54 0.81
CA LEU D 47 -15.01 -4.38 1.07
C LEU D 47 -16.29 -3.66 0.66
N LEU D 48 -16.45 -2.43 1.11
CA LEU D 48 -17.55 -1.59 0.68
C LEU D 48 -17.52 -1.35 -0.81
N ILE D 49 -16.34 -1.06 -1.35
CA ILE D 49 -16.22 -0.86 -2.78
C ILE D 49 -16.69 -2.09 -3.53
N TYR D 50 -16.35 -3.27 -3.01
CA TYR D 50 -16.70 -4.50 -3.71
C TYR D 50 -18.21 -4.77 -3.63
N GLU D 51 -18.80 -4.51 -2.48
CA GLU D 51 -20.21 -4.80 -2.33
C GLU D 51 -21.07 -3.84 -3.13
N ALA D 52 -20.52 -2.68 -3.46
CA ALA D 52 -21.25 -1.65 -4.17
C ALA D 52 -21.04 -1.77 -5.67
N THR D 53 -19.88 -2.27 -6.09
CA THR D 53 -19.53 -2.39 -7.49
C THR D 53 -20.04 -3.66 -8.12
N ARG D 54 -20.95 -4.38 -7.43
CA ARG D 54 -21.50 -5.60 -8.01
C ARG D 54 -22.17 -5.25 -9.32
N ASP D 55 -23.40 -4.75 -9.27
CA ASP D 55 -24.19 -4.56 -10.48
C ASP D 55 -23.72 -3.38 -11.34
N ALA D 56 -22.41 -3.17 -11.41
CA ALA D 56 -21.83 -2.15 -12.28
C ALA D 56 -21.68 -2.70 -13.69
N PRO D 57 -22.36 -2.13 -14.68
CA PRO D 57 -22.28 -2.68 -16.04
C PRO D 57 -20.85 -2.83 -16.56
N CYS D 58 -20.69 -3.53 -17.67
CA CYS D 58 -19.36 -3.79 -18.21
C CYS D 58 -19.40 -3.48 -19.70
N GLU D 59 -18.55 -4.19 -20.48
CA GLU D 59 -18.16 -3.81 -21.83
C GLU D 59 -17.04 -4.75 -22.29
N PRO D 60 -17.23 -5.47 -23.40
CA PRO D 60 -16.15 -6.31 -23.95
C PRO D 60 -15.01 -5.48 -24.54
N VAL D 61 -13.81 -6.03 -24.48
CA VAL D 61 -12.64 -5.37 -25.05
C VAL D 61 -11.81 -6.34 -25.91
N PRO D 62 -11.45 -5.97 -27.13
CA PRO D 62 -10.65 -6.88 -27.96
C PRO D 62 -9.20 -6.83 -27.49
N ILE D 63 -8.61 -8.01 -27.29
CA ILE D 63 -7.37 -8.12 -26.54
C ILE D 63 -6.57 -9.27 -27.15
N ARG D 64 -5.27 -9.32 -26.83
CA ARG D 64 -4.43 -10.38 -27.37
C ARG D 64 -4.31 -11.49 -26.34
N THR D 65 -3.54 -11.23 -25.28
CA THR D 65 -2.92 -12.16 -24.34
C THR D 65 -1.68 -12.75 -25.01
N PRO D 66 -0.81 -13.39 -24.25
CA PRO D 66 0.08 -14.38 -24.88
C PRO D 66 -0.72 -15.57 -25.36
N LEU D 67 -0.15 -16.24 -26.37
CA LEU D 67 -0.78 -17.34 -27.10
C LEU D 67 -2.15 -16.89 -27.64
N ALA D 68 -2.07 -16.19 -28.78
CA ALA D 68 -3.20 -15.78 -29.61
C ALA D 68 -4.05 -14.69 -28.99
N GLU D 69 -5.11 -14.30 -29.71
CA GLU D 69 -6.00 -13.20 -29.38
C GLU D 69 -7.26 -13.73 -28.69
N THR D 70 -7.87 -12.88 -27.86
CA THR D 70 -9.02 -13.22 -27.04
C THR D 70 -9.80 -11.94 -26.75
N VAL D 71 -10.90 -12.06 -25.99
CA VAL D 71 -11.72 -10.91 -25.61
C VAL D 71 -11.92 -10.90 -24.09
N GLY D 72 -11.75 -9.72 -23.50
CA GLY D 72 -11.96 -9.52 -22.08
C GLY D 72 -13.16 -8.63 -21.82
N SER D 73 -13.23 -8.05 -20.62
CA SER D 73 -14.28 -7.14 -20.22
C SER D 73 -13.64 -5.89 -19.61
N ARG D 74 -14.42 -4.80 -19.56
CA ARG D 74 -14.02 -3.54 -18.93
C ARG D 74 -15.24 -2.75 -18.49
N LEU D 75 -15.27 -2.37 -17.21
CA LEU D 75 -16.39 -1.56 -16.70
C LEU D 75 -16.64 -0.35 -17.59
N THR D 76 -17.86 0.15 -17.54
CA THR D 76 -18.31 1.13 -18.50
C THR D 76 -18.74 2.44 -17.86
N LYS D 77 -19.12 2.40 -16.58
CA LYS D 77 -19.42 3.60 -15.82
C LYS D 77 -18.15 4.13 -15.17
N PRO D 78 -17.77 5.38 -15.41
CA PRO D 78 -16.56 5.93 -14.78
C PRO D 78 -16.89 6.57 -13.45
N PRO D 79 -16.61 5.87 -12.35
CA PRO D 79 -17.13 6.32 -11.06
C PRO D 79 -16.38 7.54 -10.60
N LEU D 80 -17.10 8.64 -10.44
CA LEU D 80 -16.54 9.73 -9.68
C LEU D 80 -16.52 9.29 -8.22
N LEU D 81 -15.35 9.32 -7.61
CA LEU D 81 -15.21 9.17 -6.18
C LEU D 81 -15.22 10.54 -5.53
N VAL D 82 -15.96 10.68 -4.45
CA VAL D 82 -15.95 11.97 -3.77
C VAL D 82 -15.65 11.79 -2.28
N PRO D 83 -14.40 11.97 -1.87
CA PRO D 83 -14.09 12.04 -0.45
C PRO D 83 -14.74 13.25 0.21
N VAL D 84 -15.50 12.98 1.27
CA VAL D 84 -15.89 14.01 2.23
C VAL D 84 -14.72 14.22 3.19
N LEU D 85 -14.09 15.38 3.10
CA LEU D 85 -13.01 15.72 4.00
C LEU D 85 -13.61 16.25 5.31
N ARG D 86 -12.83 16.33 6.39
CA ARG D 86 -11.44 15.87 6.47
C ARG D 86 -11.31 14.34 6.49
N ALA D 87 -12.37 13.65 6.92
CA ALA D 87 -12.25 12.28 7.41
C ALA D 87 -12.14 11.24 6.30
N GLY D 88 -12.71 11.53 5.14
CA GLY D 88 -12.79 10.51 4.11
C GLY D 88 -11.62 10.55 3.14
N LEU D 89 -10.40 10.66 3.65
CA LEU D 89 -9.24 10.67 2.77
C LEU D 89 -8.35 9.47 2.93
N GLY D 90 -8.41 8.80 4.07
CA GLY D 90 -7.82 7.48 4.11
C GLY D 90 -8.52 6.52 3.16
N MET D 91 -9.80 6.75 2.91
CA MET D 91 -10.56 5.81 2.11
C MET D 91 -10.22 5.88 0.63
N VAL D 92 -9.64 6.97 0.16
CA VAL D 92 -9.55 7.21 -1.28
C VAL D 92 -8.23 6.76 -1.91
N ASP D 93 -7.14 6.71 -1.15
CA ASP D 93 -5.87 6.46 -1.81
C ASP D 93 -5.65 4.98 -2.17
N GLU D 94 -6.70 4.13 -2.09
CA GLU D 94 -6.65 2.86 -2.82
C GLU D 94 -8.04 2.28 -3.09
N ALA D 95 -9.09 3.08 -2.93
CA ALA D 95 -10.23 2.93 -3.84
C ALA D 95 -9.75 3.10 -5.26
N HIS D 96 -8.91 4.11 -5.48
CA HIS D 96 -8.05 4.14 -6.66
C HIS D 96 -7.51 2.76 -6.99
N ALA D 97 -6.96 2.05 -6.00
CA ALA D 97 -6.38 0.75 -6.30
C ALA D 97 -7.46 -0.24 -6.72
N ALA D 98 -8.59 -0.26 -5.99
CA ALA D 98 -9.78 -0.98 -6.46
C ALA D 98 -10.22 -0.49 -7.83
N LEU D 99 -10.51 0.81 -7.96
CA LEU D 99 -10.93 1.42 -9.22
C LEU D 99 -9.83 2.30 -9.77
N PRO D 100 -8.88 1.77 -10.52
CA PRO D 100 -7.88 2.67 -11.12
C PRO D 100 -8.49 3.68 -12.08
N GLU D 101 -9.41 3.26 -12.95
CA GLU D 101 -9.91 4.15 -14.01
C GLU D 101 -10.80 5.29 -13.51
N ALA D 102 -11.05 5.38 -12.21
CA ALA D 102 -12.06 6.29 -11.69
C ALA D 102 -11.45 7.62 -11.32
N HIS D 103 -12.20 8.69 -11.54
CA HIS D 103 -11.75 10.05 -11.27
C HIS D 103 -12.24 10.46 -9.88
N VAL D 104 -11.64 11.52 -9.37
CA VAL D 104 -11.81 11.98 -7.99
C VAL D 104 -12.26 13.44 -8.01
N GLY D 105 -13.21 13.78 -7.16
CA GLY D 105 -13.59 15.16 -6.96
C GLY D 105 -13.56 15.50 -5.49
N PHE D 106 -13.46 16.79 -5.19
CA PHE D 106 -13.26 17.25 -3.83
C PHE D 106 -14.40 18.18 -3.40
N VAL D 107 -15.19 17.72 -2.42
CA VAL D 107 -16.15 18.52 -1.68
C VAL D 107 -16.31 17.90 -0.30
N GLY D 108 -16.65 18.72 0.70
CA GLY D 108 -16.74 18.21 2.06
C GLY D 108 -17.44 19.18 2.98
N VAL D 109 -17.38 18.86 4.28
CA VAL D 109 -17.98 19.69 5.32
C VAL D 109 -17.24 19.47 6.64
N ALA D 110 -17.20 20.52 7.49
CA ALA D 110 -16.65 20.43 8.83
C ALA D 110 -17.63 21.00 9.84
N ARG D 111 -17.60 20.47 11.07
CA ARG D 111 -18.64 20.74 12.06
C ARG D 111 -18.17 21.76 13.07
N ASP D 112 -19.14 22.52 13.58
CA ASP D 112 -18.86 23.54 14.57
C ASP D 112 -18.70 22.90 15.94
N GLU D 113 -18.06 23.63 16.84
CA GLU D 113 -17.78 23.06 18.16
C GLU D 113 -19.07 22.78 18.92
N GLN D 114 -20.13 23.56 18.67
CA GLN D 114 -21.35 23.46 19.44
C GLN D 114 -22.59 23.29 18.58
N THR D 115 -22.78 24.20 17.63
CA THR D 115 -23.97 24.14 16.78
C THR D 115 -23.95 22.88 15.92
N HIS D 116 -22.75 22.49 15.45
CA HIS D 116 -22.49 21.28 14.68
C HIS D 116 -22.91 21.41 13.21
N GLN D 117 -23.17 22.66 12.74
CA GLN D 117 -23.60 22.90 11.36
C GLN D 117 -22.40 22.82 10.41
N PRO D 118 -22.58 22.26 9.21
CA PRO D 118 -21.42 22.08 8.32
C PRO D 118 -20.90 23.39 7.76
N VAL D 119 -19.58 23.47 7.64
CA VAL D 119 -18.96 24.67 7.11
C VAL D 119 -18.65 24.39 5.64
N PRO D 120 -18.84 25.33 4.73
CA PRO D 120 -18.61 25.02 3.32
C PRO D 120 -17.72 26.04 2.64
N TYR D 121 -16.47 25.68 2.37
CA TYR D 121 -15.55 26.57 1.68
C TYR D 121 -15.20 26.12 0.27
N LEU D 122 -15.36 24.83 -0.05
CA LEU D 122 -14.66 24.21 -1.16
C LEU D 122 -15.59 23.83 -2.31
N ASP D 123 -15.02 23.75 -3.54
CA ASP D 123 -15.82 23.48 -4.74
C ASP D 123 -15.07 22.77 -5.85
N SER D 124 -13.89 22.18 -5.60
CA SER D 124 -13.03 21.61 -6.65
C SER D 124 -13.55 20.26 -7.14
N LEU D 125 -14.43 20.30 -8.15
CA LEU D 125 -15.09 19.09 -8.65
C LEU D 125 -15.22 19.09 -10.16
N PRO D 126 -15.84 18.06 -10.76
CA PRO D 126 -15.83 17.95 -12.22
C PRO D 126 -16.97 18.73 -12.87
N ASP D 127 -17.16 18.50 -14.18
CA ASP D 127 -18.32 19.01 -14.91
C ASP D 127 -19.46 17.99 -14.82
N ASP D 128 -19.92 17.81 -13.58
CA ASP D 128 -20.62 16.59 -13.15
C ASP D 128 -22.06 16.58 -13.64
N LEU D 129 -22.21 16.46 -14.96
CA LEU D 129 -23.53 16.52 -15.53
C LEU D 129 -24.35 15.28 -15.17
N THR D 130 -25.13 14.79 -16.13
CA THR D 130 -26.09 13.70 -15.92
C THR D 130 -25.43 12.35 -15.71
N ASP D 131 -25.27 11.58 -16.78
CA ASP D 131 -24.94 10.16 -16.66
C ASP D 131 -23.58 9.89 -16.02
N VAL D 132 -23.41 10.23 -14.74
CA VAL D 132 -22.13 10.08 -14.04
C VAL D 132 -22.32 9.44 -12.65
N PRO D 133 -21.95 8.17 -12.47
CA PRO D 133 -22.10 7.55 -11.13
C PRO D 133 -21.16 8.14 -10.09
N VAL D 134 -21.68 8.39 -8.90
CA VAL D 134 -20.91 9.08 -7.87
C VAL D 134 -21.00 8.32 -6.54
N MET D 135 -19.84 7.86 -6.05
CA MET D 135 -19.71 7.29 -4.72
C MET D 135 -19.14 8.33 -3.78
N VAL D 136 -19.80 8.52 -2.68
CA VAL D 136 -19.37 9.47 -1.67
C VAL D 136 -18.66 8.65 -0.61
N LEU D 137 -17.57 9.17 -0.09
CA LEU D 137 -16.70 8.42 0.82
C LEU D 137 -16.63 9.19 2.12
N ASP D 138 -17.46 8.80 3.10
CA ASP D 138 -17.42 9.38 4.43
C ASP D 138 -17.56 8.29 5.49
N PRO D 139 -16.64 8.20 6.43
CA PRO D 139 -16.72 7.13 7.44
C PRO D 139 -17.94 7.21 8.36
N MET D 140 -18.08 8.30 9.08
CA MET D 140 -19.14 8.47 10.06
C MET D 140 -20.23 9.29 9.40
N VAL D 141 -21.39 8.67 9.18
CA VAL D 141 -22.59 9.39 8.74
C VAL D 141 -23.40 9.62 10.02
N ALA D 142 -23.32 10.83 10.55
CA ALA D 142 -23.83 11.04 11.90
C ALA D 142 -25.15 11.81 11.89
N THR D 143 -25.07 13.13 11.96
CA THR D 143 -26.27 13.95 11.83
C THR D 143 -26.78 13.95 10.40
N GLY D 144 -25.86 13.94 9.43
CA GLY D 144 -26.17 14.06 8.02
C GLY D 144 -25.80 15.40 7.44
N GLY D 145 -25.73 16.44 8.26
CA GLY D 145 -25.39 17.76 7.77
C GLY D 145 -24.24 17.75 6.79
N SER D 146 -23.14 17.07 7.13
CA SER D 146 -22.00 17.04 6.22
C SER D 146 -22.37 16.34 4.92
N MET D 147 -22.87 15.11 5.02
CA MET D 147 -23.38 14.36 3.87
C MET D 147 -24.40 15.18 3.06
N THR D 148 -25.53 15.55 3.68
CA THR D 148 -26.55 16.33 2.96
C THR D 148 -25.94 17.50 2.19
N HIS D 149 -24.89 18.15 2.71
CA HIS D 149 -24.44 19.35 2.04
C HIS D 149 -23.63 19.02 0.79
N THR D 150 -22.82 17.97 0.80
CA THR D 150 -22.13 17.59 -0.43
C THR D 150 -23.14 17.19 -1.49
N LEU D 151 -24.03 16.24 -1.16
CA LEU D 151 -25.01 15.83 -2.14
C LEU D 151 -25.81 17.02 -2.63
N GLY D 152 -25.89 18.07 -1.80
CA GLY D 152 -26.62 19.25 -2.22
C GLY D 152 -26.02 19.88 -3.47
N LEU D 153 -24.72 19.72 -3.66
CA LEU D 153 -24.07 20.29 -4.84
C LEU D 153 -23.83 19.25 -5.92
N LEU D 154 -23.70 17.99 -5.50
CA LEU D 154 -23.84 16.88 -6.44
C LEU D 154 -25.10 17.05 -7.28
N ILE D 155 -26.27 17.00 -6.66
CA ILE D 155 -27.51 17.07 -7.42
C ILE D 155 -27.71 18.42 -8.11
N SER D 156 -26.96 19.45 -7.71
CA SER D 156 -27.14 20.74 -8.36
C SER D 156 -26.63 20.68 -9.79
N ARG D 157 -25.51 19.99 -10.01
CA ARG D 157 -25.00 19.62 -11.32
C ARG D 157 -25.69 18.39 -11.89
N GLY D 158 -26.80 17.95 -11.30
CA GLY D 158 -27.56 16.91 -11.93
C GLY D 158 -26.92 15.55 -11.77
N ALA D 159 -26.32 15.32 -10.60
CA ALA D 159 -25.75 14.03 -10.29
C ALA D 159 -26.81 12.95 -10.45
N ALA D 160 -26.45 11.88 -11.14
CA ALA D 160 -27.39 10.82 -11.49
C ALA D 160 -27.66 9.91 -10.30
N ASP D 161 -27.22 8.64 -10.41
CA ASP D 161 -27.37 7.66 -9.35
C ASP D 161 -26.22 7.82 -8.36
N ILE D 162 -26.56 7.87 -7.07
CA ILE D 162 -25.63 8.17 -6.02
C ILE D 162 -25.54 6.98 -5.10
N THR D 163 -24.31 6.57 -4.78
CA THR D 163 -24.02 5.60 -3.73
C THR D 163 -23.18 6.30 -2.67
N VAL D 164 -23.37 5.92 -1.41
CA VAL D 164 -22.59 6.47 -0.30
C VAL D 164 -21.97 5.32 0.47
N LEU D 165 -20.67 5.42 0.73
CA LEU D 165 -19.91 4.43 1.47
C LEU D 165 -19.57 4.96 2.85
N CYS D 166 -19.74 4.14 3.88
CA CYS D 166 -19.54 4.56 5.26
C CYS D 166 -19.33 3.36 6.17
N VAL D 167 -18.48 3.52 7.19
CA VAL D 167 -18.29 2.42 8.13
C VAL D 167 -19.51 2.27 9.02
N VAL D 168 -19.95 3.36 9.62
CA VAL D 168 -21.04 3.37 10.58
C VAL D 168 -21.92 4.57 10.29
N ALA D 169 -23.22 4.37 10.38
CA ALA D 169 -24.19 5.44 10.27
C ALA D 169 -25.14 5.34 11.45
N ALA D 170 -25.92 6.39 11.63
CA ALA D 170 -26.88 6.52 12.72
C ALA D 170 -28.26 6.76 12.15
N PRO D 171 -29.32 6.39 12.89
CA PRO D 171 -30.70 6.59 12.42
C PRO D 171 -31.09 8.04 12.17
N GLU D 172 -30.47 8.98 12.89
CA GLU D 172 -30.58 10.38 12.51
C GLU D 172 -30.05 10.60 11.10
N GLY D 173 -28.81 10.16 10.86
CA GLY D 173 -28.16 10.48 9.59
C GLY D 173 -28.88 9.90 8.39
N ILE D 174 -29.28 8.63 8.48
CA ILE D 174 -29.97 8.03 7.34
C ILE D 174 -31.28 8.75 7.09
N ALA D 175 -31.94 9.19 8.17
CA ALA D 175 -33.19 9.92 8.00
C ALA D 175 -32.98 11.19 7.21
N ALA D 176 -31.96 11.98 7.56
CA ALA D 176 -31.67 13.17 6.78
C ALA D 176 -31.19 12.81 5.38
N LEU D 177 -30.85 11.54 5.12
CA LEU D 177 -30.58 11.12 3.76
C LEU D 177 -31.88 11.01 2.97
N GLN D 178 -32.85 10.29 3.52
CA GLN D 178 -34.13 10.17 2.84
C GLN D 178 -34.75 11.52 2.53
N LYS D 179 -34.69 12.45 3.49
CA LYS D 179 -35.19 13.81 3.31
C LYS D 179 -34.44 14.55 2.21
N ALA D 180 -33.18 14.19 1.97
CA ALA D 180 -32.41 14.95 1.00
C ALA D 180 -32.48 14.34 -0.40
N ALA D 181 -32.28 13.04 -0.53
CA ALA D 181 -32.11 12.39 -1.84
C ALA D 181 -32.67 10.98 -1.79
N PRO D 182 -33.93 10.79 -2.22
CA PRO D 182 -34.60 9.51 -1.96
C PRO D 182 -34.06 8.36 -2.77
N ASN D 183 -33.30 8.64 -3.83
CA ASN D 183 -32.82 7.60 -4.73
C ASN D 183 -31.33 7.33 -4.58
N VAL D 184 -30.71 7.86 -3.53
CA VAL D 184 -29.34 7.48 -3.18
C VAL D 184 -29.37 6.20 -2.35
N ARG D 185 -28.35 5.38 -2.58
CA ARG D 185 -28.15 4.10 -1.89
C ARG D 185 -27.04 4.28 -0.86
N LEU D 186 -27.12 3.55 0.24
CA LEU D 186 -26.12 3.64 1.30
C LEU D 186 -25.58 2.27 1.65
N PHE D 187 -24.25 2.16 1.69
CA PHE D 187 -23.56 0.96 2.13
C PHE D 187 -22.81 1.29 3.42
N THR D 188 -23.12 0.56 4.48
CA THR D 188 -22.43 0.65 5.75
C THR D 188 -21.90 -0.71 6.15
N ALA D 189 -20.93 -0.68 7.05
CA ALA D 189 -20.54 -1.85 7.83
C ALA D 189 -21.42 -2.06 9.07
N ALA D 190 -21.98 -1.00 9.66
CA ALA D 190 -22.90 -1.26 10.76
C ALA D 190 -23.86 -0.09 10.90
N ILE D 191 -25.08 -0.41 11.30
CA ILE D 191 -25.99 0.59 11.82
C ILE D 191 -25.80 0.62 13.34
N ASP D 192 -25.89 1.82 13.93
CA ASP D 192 -25.62 1.99 15.35
C ASP D 192 -26.91 2.37 16.09
N GLU D 193 -26.76 2.75 17.38
CA GLU D 193 -27.90 3.14 18.19
C GLU D 193 -28.35 4.56 17.88
N GLY D 194 -27.41 5.50 17.84
CA GLY D 194 -27.79 6.90 17.72
C GLY D 194 -26.65 7.79 18.12
N LEU D 195 -26.93 9.07 18.23
CA LEU D 195 -25.90 10.02 18.56
C LEU D 195 -26.00 10.35 20.06
N ASN D 196 -25.21 11.33 20.51
CA ASN D 196 -25.22 11.70 21.91
C ASN D 196 -25.17 13.21 22.00
N GLU D 197 -24.94 13.65 23.24
CA GLU D 197 -24.86 15.08 23.56
C GLU D 197 -23.97 15.85 22.59
N VAL D 198 -22.87 15.24 22.17
CA VAL D 198 -21.93 15.87 21.24
C VAL D 198 -22.13 15.33 19.81
N ALA D 199 -23.29 14.75 19.53
CA ALA D 199 -23.65 14.29 18.18
C ALA D 199 -22.57 13.36 17.60
N TYR D 200 -21.78 12.77 18.49
CA TYR D 200 -20.93 11.65 18.12
C TYR D 200 -21.77 10.38 18.10
N ILE D 201 -21.53 9.53 17.10
CA ILE D 201 -22.22 8.26 17.03
C ILE D 201 -21.82 7.42 18.24
N VAL D 202 -22.75 6.62 18.72
CA VAL D 202 -22.48 5.66 19.79
C VAL D 202 -23.09 4.31 19.39
N PRO D 203 -22.34 3.21 19.58
CA PRO D 203 -20.96 3.11 20.05
C PRO D 203 -19.96 3.74 19.08
N GLY D 204 -19.98 3.30 17.82
CA GLY D 204 -19.22 4.05 16.85
C GLY D 204 -17.72 3.90 17.05
N LEU D 205 -17.00 4.91 16.53
CA LEU D 205 -15.57 4.84 16.34
C LEU D 205 -14.81 5.97 17.04
N GLY D 206 -15.50 6.84 17.78
CA GLY D 206 -14.89 8.11 18.14
C GLY D 206 -14.91 9.06 16.95
N ASP D 207 -14.03 10.07 16.99
CA ASP D 207 -13.87 11.02 15.89
C ASP D 207 -12.97 10.39 14.83
N ALA D 208 -13.52 10.11 13.65
CA ALA D 208 -12.78 9.31 12.67
C ALA D 208 -11.56 10.05 12.16
N GLY D 209 -11.68 11.36 11.93
CA GLY D 209 -10.52 12.10 11.45
C GLY D 209 -9.37 12.07 12.44
N ASP D 210 -9.67 12.39 13.70
CA ASP D 210 -8.64 12.59 14.70
C ASP D 210 -7.73 11.37 14.86
N ARG D 211 -8.28 10.17 14.76
CA ARG D 211 -7.50 8.96 14.92
C ARG D 211 -6.94 8.45 13.60
N GLN D 212 -6.87 9.29 12.57
CA GLN D 212 -5.99 9.04 11.43
C GLN D 212 -4.89 10.10 11.26
N PHE D 213 -5.03 11.30 11.86
CA PHE D 213 -4.12 12.42 11.59
C PHE D 213 -3.46 13.06 12.84
#